data_2KTC
#
_entry.id   2KTC
#
_entity_poly.entity_id   1
_entity_poly.type   'polypeptide(L)'
_entity_poly.pdbx_seq_one_letter_code
;GSVGCAECPMHCKGKMAKPTCENEVCKCNIGKKD
;
_entity_poly.pdbx_strand_id   A
#
# COMPACT_ATOMS: atom_id res chain seq x y z
N GLY A 1 -3.14 -14.42 -0.53
CA GLY A 1 -3.92 -13.33 -1.20
C GLY A 1 -3.64 -11.99 -0.50
N SER A 2 -2.81 -11.17 -1.13
CA SER A 2 -2.46 -9.87 -0.55
C SER A 2 -3.67 -8.94 -0.52
N VAL A 3 -4.30 -8.85 0.64
CA VAL A 3 -5.46 -7.97 0.81
C VAL A 3 -5.01 -6.63 1.37
N GLY A 4 -4.10 -6.68 2.35
CA GLY A 4 -3.58 -5.46 2.95
C GLY A 4 -3.30 -4.42 1.89
N CYS A 5 -2.70 -4.86 0.77
CA CYS A 5 -2.39 -3.93 -0.32
C CYS A 5 -3.64 -3.25 -0.86
N ALA A 6 -4.80 -3.70 -0.41
CA ALA A 6 -6.05 -3.08 -0.82
C ALA A 6 -6.39 -2.01 0.22
N GLU A 7 -6.33 -2.42 1.47
CA GLU A 7 -6.58 -1.50 2.58
C GLU A 7 -5.43 -0.50 2.70
N CYS A 8 -4.21 -1.01 2.52
CA CYS A 8 -2.99 -0.19 2.58
C CYS A 8 -3.20 1.15 1.86
N PRO A 9 -3.48 1.11 0.57
CA PRO A 9 -3.72 2.35 -0.22
C PRO A 9 -4.92 3.10 0.34
N MET A 10 -5.98 2.37 0.67
CA MET A 10 -7.16 2.98 1.25
C MET A 10 -6.77 3.69 2.54
N HIS A 11 -5.97 3.00 3.36
CA HIS A 11 -5.49 3.54 4.63
C HIS A 11 -4.28 4.45 4.40
N CYS A 12 -4.22 5.06 3.22
CA CYS A 12 -3.13 5.97 2.88
C CYS A 12 -3.56 7.41 3.09
N LYS A 13 -2.63 8.25 3.53
CA LYS A 13 -2.96 9.65 3.82
C LYS A 13 -2.65 10.58 2.64
N GLY A 14 -3.55 11.54 2.42
CA GLY A 14 -3.44 12.51 1.33
C GLY A 14 -2.02 13.07 1.18
N LYS A 15 -1.62 13.27 -0.08
CA LYS A 15 -0.30 13.81 -0.43
C LYS A 15 0.73 12.70 -0.61
N MET A 16 0.46 11.54 -0.01
CA MET A 16 1.37 10.40 -0.12
C MET A 16 0.58 9.10 -0.24
N ALA A 17 0.41 8.61 -1.46
CA ALA A 17 -0.34 7.37 -1.65
C ALA A 17 0.29 6.47 -2.71
N LYS A 18 0.72 5.30 -2.27
CA LYS A 18 1.35 4.32 -3.16
C LYS A 18 1.33 2.93 -2.52
N PRO A 19 0.55 2.03 -3.05
CA PRO A 19 0.43 0.65 -2.51
C PRO A 19 1.70 -0.18 -2.74
N THR A 20 2.22 -0.75 -1.65
CA THR A 20 3.43 -1.57 -1.72
C THR A 20 3.20 -2.90 -1.03
N CYS A 21 3.33 -3.99 -1.80
CA CYS A 21 3.13 -5.34 -1.26
C CYS A 21 4.43 -6.14 -1.21
N GLU A 22 4.60 -6.88 -0.12
CA GLU A 22 5.78 -7.72 0.07
C GLU A 22 5.38 -9.01 0.78
N ASN A 23 5.48 -10.12 0.07
CA ASN A 23 5.15 -11.44 0.62
C ASN A 23 3.88 -11.42 1.47
N GLU A 24 2.81 -10.86 0.88
CA GLU A 24 1.50 -10.76 1.54
C GLU A 24 1.44 -9.59 2.52
N VAL A 25 2.55 -8.90 2.72
CA VAL A 25 2.57 -7.73 3.60
C VAL A 25 2.47 -6.48 2.73
N CYS A 26 1.68 -5.49 3.16
CA CYS A 26 1.50 -4.29 2.37
C CYS A 26 1.79 -3.02 3.16
N LYS A 27 2.17 -1.98 2.43
CA LYS A 27 2.45 -0.66 3.02
C LYS A 27 2.27 0.44 1.99
N CYS A 28 2.11 1.68 2.46
CA CYS A 28 1.97 2.82 1.56
C CYS A 28 3.29 3.57 1.53
N ASN A 29 4.15 3.24 0.57
CA ASN A 29 5.47 3.89 0.50
C ASN A 29 5.90 4.22 -0.93
N ILE A 30 6.52 5.39 -1.08
CA ILE A 30 7.03 5.84 -2.37
C ILE A 30 8.21 4.99 -2.83
N GLY A 31 8.26 4.73 -4.12
CA GLY A 31 9.31 3.92 -4.72
C GLY A 31 8.75 2.60 -5.25
N LYS A 32 7.59 2.22 -4.73
CA LYS A 32 6.92 0.99 -5.15
C LYS A 32 5.43 1.26 -5.35
N LYS A 33 4.90 0.85 -6.50
CA LYS A 33 3.48 1.07 -6.80
C LYS A 33 2.82 -0.24 -7.22
N ASP A 34 2.30 -0.98 -6.26
CA ASP A 34 1.64 -2.24 -6.54
C ASP A 34 0.13 -2.03 -6.72
N GLY A 1 -2.43 -13.36 -1.09
CA GLY A 1 -2.87 -12.01 -1.52
C GLY A 1 -3.79 -11.42 -0.46
N SER A 2 -3.25 -11.14 0.71
CA SER A 2 -4.03 -10.58 1.81
C SER A 2 -4.68 -9.25 1.40
N VAL A 3 -5.93 -9.06 1.83
CA VAL A 3 -6.69 -7.85 1.51
C VAL A 3 -5.86 -6.60 1.77
N GLY A 4 -4.98 -6.68 2.77
CA GLY A 4 -4.12 -5.54 3.12
C GLY A 4 -3.73 -4.73 1.89
N CYS A 5 -3.40 -5.41 0.80
CA CYS A 5 -3.01 -4.72 -0.42
C CYS A 5 -4.07 -3.71 -0.86
N ALA A 6 -5.32 -3.96 -0.48
CA ALA A 6 -6.41 -3.04 -0.83
C ALA A 6 -6.52 -1.97 0.26
N GLU A 7 -6.44 -2.42 1.50
CA GLU A 7 -6.47 -1.50 2.62
C GLU A 7 -5.24 -0.60 2.57
N CYS A 8 -4.12 -1.19 2.19
CA CYS A 8 -2.86 -0.45 2.09
C CYS A 8 -3.08 0.91 1.44
N PRO A 9 -3.51 0.96 0.19
CA PRO A 9 -3.78 2.24 -0.48
C PRO A 9 -4.77 3.08 0.33
N MET A 10 -5.82 2.41 0.80
CA MET A 10 -6.82 3.08 1.63
C MET A 10 -6.17 3.62 2.90
N HIS A 11 -5.22 2.86 3.43
CA HIS A 11 -4.49 3.24 4.64
C HIS A 11 -3.41 4.27 4.32
N CYS A 12 -3.46 4.83 3.11
CA CYS A 12 -2.48 5.84 2.71
C CYS A 12 -3.08 7.23 2.92
N LYS A 13 -2.25 8.17 3.32
CA LYS A 13 -2.72 9.52 3.62
C LYS A 13 -2.53 10.49 2.45
N GLY A 14 -3.53 11.35 2.27
CA GLY A 14 -3.55 12.35 1.21
C GLY A 14 -2.18 12.99 0.96
N LYS A 15 -1.90 13.24 -0.33
CA LYS A 15 -0.64 13.85 -0.76
C LYS A 15 0.46 12.81 -0.94
N MET A 16 0.29 11.65 -0.30
CA MET A 16 1.28 10.57 -0.42
C MET A 16 0.56 9.23 -0.53
N ALA A 17 0.39 8.73 -1.76
CA ALA A 17 -0.30 7.46 -1.94
C ALA A 17 0.34 6.58 -3.00
N LYS A 18 0.90 5.48 -2.52
CA LYS A 18 1.54 4.48 -3.37
C LYS A 18 1.69 3.18 -2.58
N PRO A 19 0.80 2.26 -2.80
CA PRO A 19 0.78 0.96 -2.07
C PRO A 19 1.71 -0.11 -2.65
N THR A 20 2.01 -1.10 -1.82
CA THR A 20 2.84 -2.21 -2.22
C THR A 20 2.62 -3.38 -1.29
N CYS A 21 2.80 -4.56 -1.83
CA CYS A 21 2.60 -5.80 -1.06
C CYS A 21 3.80 -6.74 -1.26
N GLU A 22 4.27 -7.29 -0.15
CA GLU A 22 5.41 -8.19 -0.18
C GLU A 22 5.18 -9.32 0.80
N ASN A 23 5.26 -10.54 0.29
CA ASN A 23 5.06 -11.75 1.08
C ASN A 23 3.85 -11.62 2.01
N GLU A 24 2.73 -11.23 1.42
CA GLU A 24 1.48 -11.06 2.16
C GLU A 24 1.50 -9.80 3.03
N VAL A 25 2.63 -9.10 3.05
CA VAL A 25 2.73 -7.87 3.84
C VAL A 25 2.54 -6.66 2.91
N CYS A 26 1.61 -5.78 3.28
CA CYS A 26 1.33 -4.60 2.47
C CYS A 26 1.89 -3.33 3.09
N LYS A 27 2.32 -2.40 2.25
CA LYS A 27 2.86 -1.12 2.73
C LYS A 27 2.68 -0.01 1.69
N CYS A 28 2.52 1.23 2.18
CA CYS A 28 2.37 2.38 1.29
C CYS A 28 3.74 3.08 1.22
N ASN A 29 4.54 2.71 0.25
CA ASN A 29 5.89 3.27 0.12
C ASN A 29 6.02 4.29 -1.03
N ILE A 30 6.50 5.48 -0.70
CA ILE A 30 6.70 6.53 -1.70
C ILE A 30 7.91 6.21 -2.56
N GLY A 31 7.68 6.25 -3.87
CA GLY A 31 8.71 5.96 -4.85
C GLY A 31 8.50 4.57 -5.44
N LYS A 32 7.73 3.75 -4.72
CA LYS A 32 7.43 2.39 -5.14
C LYS A 32 5.92 2.13 -5.01
N LYS A 33 5.27 1.82 -6.13
CA LYS A 33 3.83 1.56 -6.11
C LYS A 33 3.49 0.24 -6.80
N ASP A 34 2.65 -0.56 -6.16
CA ASP A 34 2.24 -1.84 -6.74
C ASP A 34 1.12 -1.60 -7.75
N GLY A 1 -1.46 -12.94 -1.50
CA GLY A 1 -2.16 -11.66 -1.83
C GLY A 1 -3.25 -11.39 -0.81
N SER A 2 -2.87 -10.80 0.32
CA SER A 2 -3.82 -10.51 1.39
C SER A 2 -4.54 -9.18 1.16
N VAL A 3 -5.83 -9.14 1.54
CA VAL A 3 -6.65 -7.94 1.37
C VAL A 3 -5.89 -6.66 1.71
N GLY A 4 -5.03 -6.73 2.72
CA GLY A 4 -4.24 -5.56 3.14
C GLY A 4 -3.84 -4.71 1.94
N CYS A 5 -3.46 -5.37 0.85
CA CYS A 5 -3.06 -4.66 -0.36
C CYS A 5 -4.14 -3.69 -0.83
N ALA A 6 -5.39 -3.94 -0.44
CA ALA A 6 -6.49 -3.06 -0.80
C ALA A 6 -6.62 -1.97 0.24
N GLU A 7 -6.56 -2.39 1.51
CA GLU A 7 -6.63 -1.44 2.61
C GLU A 7 -5.40 -0.56 2.60
N CYS A 8 -4.25 -1.17 2.31
CA CYS A 8 -2.99 -0.44 2.26
C CYS A 8 -3.14 0.90 1.54
N PRO A 9 -3.53 0.90 0.29
CA PRO A 9 -3.73 2.17 -0.47
C PRO A 9 -4.79 3.03 0.21
N MET A 10 -5.87 2.39 0.63
CA MET A 10 -6.94 3.10 1.33
C MET A 10 -6.41 3.70 2.63
N HIS A 11 -5.52 2.96 3.29
CA HIS A 11 -4.92 3.40 4.54
C HIS A 11 -3.77 4.37 4.27
N CYS A 12 -3.75 4.94 3.06
CA CYS A 12 -2.71 5.90 2.70
C CYS A 12 -3.25 7.31 2.91
N LYS A 13 -2.38 8.19 3.36
CA LYS A 13 -2.78 9.56 3.68
C LYS A 13 -2.47 10.53 2.53
N GLY A 14 -3.41 11.46 2.31
CA GLY A 14 -3.31 12.46 1.24
C GLY A 14 -1.90 13.01 1.06
N LYS A 15 -1.54 13.22 -0.21
CA LYS A 15 -0.22 13.75 -0.62
C LYS A 15 0.79 12.63 -0.84
N MET A 16 0.54 11.47 -0.25
CA MET A 16 1.43 10.32 -0.41
C MET A 16 0.63 9.03 -0.51
N ALA A 17 0.43 8.53 -1.73
CA ALA A 17 -0.33 7.31 -1.92
C ALA A 17 0.28 6.39 -2.97
N LYS A 18 0.82 5.29 -2.47
CA LYS A 18 1.43 4.25 -3.29
C LYS A 18 1.58 2.96 -2.48
N PRO A 19 0.79 1.97 -2.79
CA PRO A 19 0.79 0.67 -2.05
C PRO A 19 1.89 -0.29 -2.49
N THR A 20 2.48 -0.97 -1.51
CA THR A 20 3.53 -1.94 -1.75
C THR A 20 3.19 -3.23 -1.02
N CYS A 21 3.06 -4.32 -1.77
CA CYS A 21 2.71 -5.63 -1.19
C CYS A 21 3.76 -6.68 -1.53
N GLU A 22 4.39 -7.22 -0.49
CA GLU A 22 5.39 -8.24 -0.65
C GLU A 22 5.23 -9.26 0.47
N ASN A 23 5.33 -10.51 0.10
CA ASN A 23 5.18 -11.62 1.05
C ASN A 23 4.01 -11.38 2.00
N GLU A 24 2.89 -10.96 1.43
CA GLU A 24 1.68 -10.69 2.20
C GLU A 24 1.82 -9.45 3.09
N VAL A 25 2.97 -8.77 2.98
CA VAL A 25 3.20 -7.56 3.77
C VAL A 25 2.90 -6.32 2.92
N CYS A 26 1.77 -5.68 3.18
CA CYS A 26 1.36 -4.50 2.42
C CYS A 26 1.74 -3.21 3.15
N LYS A 27 2.36 -2.30 2.41
CA LYS A 27 2.76 -1.00 2.99
C LYS A 27 2.63 0.10 1.93
N CYS A 28 2.26 1.30 2.37
CA CYS A 28 2.15 2.44 1.46
C CYS A 28 3.50 3.16 1.41
N ASN A 29 4.35 2.75 0.46
CA ASN A 29 5.69 3.33 0.36
C ASN A 29 5.84 4.23 -0.86
N ILE A 30 6.46 5.39 -0.64
CA ILE A 30 6.70 6.34 -1.72
C ILE A 30 7.94 5.93 -2.51
N GLY A 31 7.81 6.01 -3.82
CA GLY A 31 8.89 5.64 -4.73
C GLY A 31 8.56 4.35 -5.46
N LYS A 32 7.66 3.56 -4.88
CA LYS A 32 7.25 2.30 -5.50
C LYS A 32 5.75 2.07 -5.32
N LYS A 33 5.07 1.73 -6.39
CA LYS A 33 3.64 1.47 -6.34
C LYS A 33 3.32 0.11 -6.94
N ASP A 34 2.41 -0.62 -6.33
CA ASP A 34 2.03 -1.94 -6.83
C ASP A 34 0.78 -1.83 -7.70
N GLY A 1 -9.31 -5.32 7.05
CA GLY A 1 -10.65 -5.73 6.50
C GLY A 1 -10.44 -6.66 5.31
N SER A 2 -10.12 -6.08 4.16
CA SER A 2 -9.90 -6.87 2.94
C SER A 2 -8.43 -7.25 2.81
N VAL A 3 -7.97 -7.41 1.57
CA VAL A 3 -6.58 -7.77 1.31
C VAL A 3 -5.68 -6.56 1.50
N GLY A 4 -4.80 -6.66 2.49
CA GLY A 4 -3.87 -5.58 2.82
C GLY A 4 -3.52 -4.69 1.63
N CYS A 5 -3.04 -5.29 0.55
CA CYS A 5 -2.66 -4.54 -0.65
C CYS A 5 -3.76 -3.58 -1.09
N ALA A 6 -5.00 -3.89 -0.76
CA ALA A 6 -6.12 -3.03 -1.12
C ALA A 6 -6.33 -1.98 -0.03
N GLU A 7 -6.26 -2.42 1.22
CA GLU A 7 -6.41 -1.54 2.35
C GLU A 7 -5.19 -0.64 2.48
N CYS A 8 -4.03 -1.19 2.13
CA CYS A 8 -2.78 -0.45 2.19
C CYS A 8 -2.91 0.92 1.54
N PRO A 9 -3.30 0.97 0.29
CA PRO A 9 -3.50 2.26 -0.43
C PRO A 9 -4.63 3.05 0.24
N MET A 10 -5.68 2.34 0.62
CA MET A 10 -6.80 2.99 1.30
C MET A 10 -6.32 3.59 2.62
N HIS A 11 -5.43 2.87 3.29
CA HIS A 11 -4.87 3.32 4.55
C HIS A 11 -3.74 4.33 4.30
N CYS A 12 -3.74 4.93 3.12
CA CYS A 12 -2.73 5.93 2.76
C CYS A 12 -3.28 7.33 2.98
N LYS A 13 -2.41 8.24 3.42
CA LYS A 13 -2.82 9.60 3.72
C LYS A 13 -2.54 10.57 2.57
N GLY A 14 -3.49 11.48 2.36
CA GLY A 14 -3.42 12.48 1.27
C GLY A 14 -2.01 13.05 1.08
N LYS A 15 -1.68 13.27 -0.21
CA LYS A 15 -0.39 13.81 -0.64
C LYS A 15 0.65 12.71 -0.86
N MET A 16 0.42 11.55 -0.25
CA MET A 16 1.35 10.42 -0.40
C MET A 16 0.57 9.11 -0.49
N ALA A 17 0.38 8.61 -1.71
CA ALA A 17 -0.37 7.36 -1.87
C ALA A 17 0.24 6.45 -2.94
N LYS A 18 0.79 5.36 -2.47
CA LYS A 18 1.40 4.33 -3.31
C LYS A 18 1.58 3.06 -2.50
N PRO A 19 0.83 2.03 -2.80
CA PRO A 19 0.87 0.75 -2.04
C PRO A 19 2.01 -0.19 -2.45
N THR A 20 2.59 -0.84 -1.44
CA THR A 20 3.68 -1.79 -1.67
C THR A 20 3.34 -3.10 -0.95
N CYS A 21 3.40 -4.21 -1.66
CA CYS A 21 3.09 -5.51 -1.05
C CYS A 21 4.23 -6.50 -1.24
N GLU A 22 4.64 -7.13 -0.15
CA GLU A 22 5.74 -8.08 -0.18
C GLU A 22 5.44 -9.26 0.74
N ASN A 23 5.49 -10.44 0.17
CA ASN A 23 5.24 -11.70 0.89
C ASN A 23 4.02 -11.59 1.80
N GLU A 24 2.90 -11.14 1.23
CA GLU A 24 1.65 -10.99 1.97
C GLU A 24 1.67 -9.76 2.88
N VAL A 25 2.80 -9.06 2.92
CA VAL A 25 2.90 -7.85 3.74
C VAL A 25 2.69 -6.64 2.84
N CYS A 26 1.82 -5.72 3.26
CA CYS A 26 1.51 -4.54 2.47
C CYS A 26 1.85 -3.26 3.21
N LYS A 27 2.33 -2.26 2.46
CA LYS A 27 2.68 -0.98 3.05
C LYS A 27 2.59 0.13 2.00
N CYS A 28 2.23 1.34 2.43
CA CYS A 28 2.13 2.48 1.51
C CYS A 28 3.49 3.20 1.47
N ASN A 29 4.30 2.87 0.47
CA ASN A 29 5.63 3.47 0.36
C ASN A 29 5.79 4.31 -0.90
N ILE A 30 6.39 5.47 -0.73
CA ILE A 30 6.64 6.38 -1.85
C ILE A 30 7.82 5.88 -2.67
N GLY A 31 7.58 5.77 -3.97
CA GLY A 31 8.59 5.30 -4.92
C GLY A 31 8.19 3.94 -5.50
N LYS A 32 7.30 3.24 -4.83
CA LYS A 32 6.84 1.93 -5.30
C LYS A 32 5.32 1.82 -5.17
N LYS A 33 4.65 1.54 -6.28
CA LYS A 33 3.19 1.42 -6.28
C LYS A 33 2.75 0.06 -6.83
N ASP A 34 2.31 -0.82 -5.92
CA ASP A 34 1.84 -2.15 -6.30
C ASP A 34 0.33 -2.13 -6.57
N GLY A 1 -1.38 -12.70 -2.05
CA GLY A 1 -1.96 -11.33 -2.19
C GLY A 1 -2.99 -11.09 -1.07
N SER A 2 -2.48 -10.71 0.11
CA SER A 2 -3.36 -10.46 1.26
C SER A 2 -4.12 -9.14 1.10
N VAL A 3 -5.39 -9.15 1.51
CA VAL A 3 -6.26 -7.97 1.44
C VAL A 3 -5.50 -6.67 1.72
N GLY A 4 -4.61 -6.70 2.71
CA GLY A 4 -3.84 -5.52 3.09
C GLY A 4 -3.56 -4.64 1.87
N CYS A 5 -3.21 -5.28 0.76
CA CYS A 5 -2.92 -4.54 -0.47
C CYS A 5 -4.06 -3.60 -0.85
N ALA A 6 -5.27 -3.94 -0.45
CA ALA A 6 -6.43 -3.11 -0.74
C ALA A 6 -6.57 -2.04 0.35
N GLU A 7 -6.44 -2.48 1.59
CA GLU A 7 -6.50 -1.55 2.72
C GLU A 7 -5.32 -0.59 2.64
N CYS A 8 -4.18 -1.12 2.21
CA CYS A 8 -2.96 -0.32 2.07
C CYS A 8 -3.25 1.05 1.43
N PRO A 9 -3.72 1.06 0.19
CA PRO A 9 -4.05 2.33 -0.49
C PRO A 9 -5.09 3.11 0.30
N MET A 10 -6.10 2.39 0.78
CA MET A 10 -7.16 3.01 1.58
C MET A 10 -6.55 3.62 2.84
N HIS A 11 -5.58 2.92 3.42
CA HIS A 11 -4.91 3.39 4.64
C HIS A 11 -3.77 4.35 4.31
N CYS A 12 -3.83 4.95 3.12
CA CYS A 12 -2.81 5.92 2.70
C CYS A 12 -3.29 7.34 2.96
N LYS A 13 -2.38 8.21 3.37
CA LYS A 13 -2.73 9.59 3.71
C LYS A 13 -2.46 10.57 2.56
N GLY A 14 -3.38 11.52 2.40
CA GLY A 14 -3.30 12.55 1.36
C GLY A 14 -1.90 13.15 1.21
N LYS A 15 -1.52 13.42 -0.05
CA LYS A 15 -0.22 14.02 -0.38
C LYS A 15 0.84 12.93 -0.63
N MET A 16 0.60 11.74 -0.08
CA MET A 16 1.53 10.63 -0.27
C MET A 16 0.73 9.32 -0.44
N ALA A 17 0.53 8.88 -1.69
CA ALA A 17 -0.23 7.66 -1.90
C ALA A 17 0.35 6.77 -3.00
N LYS A 18 0.85 5.64 -2.55
CA LYS A 18 1.43 4.61 -3.43
C LYS A 18 1.51 3.30 -2.66
N PRO A 19 0.58 2.42 -2.88
CA PRO A 19 0.51 1.10 -2.17
C PRO A 19 1.42 0.06 -2.79
N THR A 20 1.87 -0.87 -1.96
CA THR A 20 2.73 -1.94 -2.42
C THR A 20 2.67 -3.12 -1.46
N CYS A 21 2.70 -4.32 -2.00
CA CYS A 21 2.64 -5.53 -1.20
C CYS A 21 3.91 -6.36 -1.41
N GLU A 22 4.46 -6.87 -0.32
CA GLU A 22 5.67 -7.66 -0.36
C GLU A 22 5.57 -8.83 0.61
N ASN A 23 5.60 -10.02 0.07
CA ASN A 23 5.51 -11.26 0.84
C ASN A 23 4.25 -11.23 1.73
N GLU A 24 3.12 -10.92 1.10
CA GLU A 24 1.82 -10.85 1.76
C GLU A 24 1.72 -9.63 2.68
N VAL A 25 2.80 -8.88 2.82
CA VAL A 25 2.76 -7.68 3.65
C VAL A 25 2.59 -6.45 2.76
N CYS A 26 1.58 -5.64 3.06
CA CYS A 26 1.30 -4.44 2.28
C CYS A 26 1.84 -3.19 2.96
N LYS A 27 2.31 -2.24 2.17
CA LYS A 27 2.86 -1.00 2.71
C LYS A 27 2.71 0.17 1.73
N CYS A 28 2.11 1.27 2.18
CA CYS A 28 1.98 2.46 1.33
C CYS A 28 3.31 3.20 1.36
N ASN A 29 4.18 2.86 0.42
CA ASN A 29 5.52 3.45 0.37
C ASN A 29 5.76 4.29 -0.88
N ILE A 30 6.43 5.42 -0.70
CA ILE A 30 6.78 6.30 -1.82
C ILE A 30 7.97 5.74 -2.56
N GLY A 31 7.78 5.54 -3.85
CA GLY A 31 8.82 4.98 -4.72
C GLY A 31 8.48 3.55 -5.10
N LYS A 32 7.61 2.93 -4.32
CA LYS A 32 7.19 1.56 -4.57
C LYS A 32 5.71 1.54 -4.95
N LYS A 33 5.36 0.69 -5.91
CA LYS A 33 3.97 0.60 -6.36
C LYS A 33 3.55 -0.86 -6.57
N ASP A 34 2.34 -1.18 -6.10
CA ASP A 34 1.81 -2.52 -6.27
C ASP A 34 1.28 -2.68 -7.70
N GLY A 1 -9.65 -4.21 7.75
CA GLY A 1 -9.94 -5.65 7.95
C GLY A 1 -10.15 -6.34 6.60
N SER A 2 -9.31 -6.01 5.62
CA SER A 2 -9.41 -6.60 4.29
C SER A 2 -8.03 -6.94 3.74
N VAL A 3 -7.94 -7.16 2.43
CA VAL A 3 -6.66 -7.48 1.81
C VAL A 3 -5.71 -6.30 1.90
N GLY A 4 -4.59 -6.51 2.57
CA GLY A 4 -3.58 -5.47 2.75
C GLY A 4 -3.39 -4.61 1.52
N CYS A 5 -3.22 -5.25 0.36
CA CYS A 5 -3.01 -4.51 -0.89
C CYS A 5 -4.18 -3.57 -1.19
N ALA A 6 -5.36 -3.89 -0.70
CA ALA A 6 -6.51 -3.03 -0.90
C ALA A 6 -6.56 -2.00 0.23
N GLU A 7 -6.33 -2.49 1.44
CA GLU A 7 -6.30 -1.62 2.60
C GLU A 7 -5.12 -0.67 2.49
N CYS A 8 -4.00 -1.16 1.95
CA CYS A 8 -2.79 -0.36 1.79
C CYS A 8 -3.14 1.03 1.25
N PRO A 9 -3.69 1.12 0.06
CA PRO A 9 -4.08 2.43 -0.51
C PRO A 9 -5.06 3.13 0.42
N MET A 10 -6.07 2.38 0.88
CA MET A 10 -7.05 2.93 1.80
C MET A 10 -6.37 3.40 3.09
N HIS A 11 -5.27 2.73 3.45
CA HIS A 11 -4.51 3.07 4.66
C HIS A 11 -3.63 4.29 4.42
N CYS A 12 -3.65 4.84 3.21
CA CYS A 12 -2.84 6.00 2.89
C CYS A 12 -3.69 7.27 3.00
N LYS A 13 -3.09 8.34 3.51
CA LYS A 13 -3.82 9.60 3.69
C LYS A 13 -3.57 10.60 2.56
N GLY A 14 -4.63 11.32 2.18
CA GLY A 14 -4.56 12.31 1.11
C GLY A 14 -3.27 13.13 1.13
N LYS A 15 -2.74 13.40 -0.05
CA LYS A 15 -1.49 14.17 -0.20
C LYS A 15 -0.29 13.23 -0.21
N MET A 16 -0.47 12.03 0.32
CA MET A 16 0.61 11.04 0.35
C MET A 16 0.09 9.67 -0.05
N ALA A 17 0.31 9.29 -1.31
CA ALA A 17 -0.15 8.00 -1.80
C ALA A 17 0.99 7.23 -2.48
N LYS A 18 1.24 6.03 -1.98
CA LYS A 18 2.30 5.18 -2.52
C LYS A 18 2.09 3.72 -2.06
N PRO A 19 1.21 2.99 -2.69
CA PRO A 19 0.91 1.59 -2.31
C PRO A 19 2.01 0.58 -2.66
N THR A 20 2.45 -0.19 -1.65
CA THR A 20 3.49 -1.19 -1.82
C THR A 20 3.06 -2.54 -1.23
N CYS A 21 3.02 -3.57 -2.09
CA CYS A 21 2.65 -4.93 -1.66
C CYS A 21 3.75 -5.92 -2.04
N GLU A 22 4.34 -6.55 -1.02
CA GLU A 22 5.42 -7.49 -1.24
C GLU A 22 5.30 -8.68 -0.28
N ASN A 23 5.20 -9.85 -0.88
CA ASN A 23 5.07 -11.11 -0.13
C ASN A 23 4.00 -11.01 0.96
N GLU A 24 2.81 -10.57 0.54
CA GLU A 24 1.67 -10.44 1.45
C GLU A 24 1.87 -9.27 2.43
N VAL A 25 3.04 -8.65 2.39
CA VAL A 25 3.29 -7.51 3.27
C VAL A 25 3.07 -6.22 2.49
N CYS A 26 2.10 -5.42 2.92
CA CYS A 26 1.79 -4.18 2.22
C CYS A 26 2.16 -2.94 3.04
N LYS A 27 2.51 -1.87 2.34
CA LYS A 27 2.87 -0.61 3.00
C LYS A 27 2.65 0.55 2.02
N CYS A 28 2.53 1.76 2.54
CA CYS A 28 2.36 2.92 1.68
C CYS A 28 3.68 3.68 1.55
N ASN A 29 4.58 3.17 0.71
CA ASN A 29 5.89 3.80 0.51
C ASN A 29 6.22 3.98 -0.98
N ILE A 30 6.83 5.10 -1.33
CA ILE A 30 7.21 5.36 -2.72
C ILE A 30 8.45 4.57 -3.10
N GLY A 31 8.46 4.11 -4.35
CA GLY A 31 9.58 3.32 -4.87
C GLY A 31 9.20 1.86 -5.16
N LYS A 32 8.13 1.41 -4.53
CA LYS A 32 7.65 0.04 -4.73
C LYS A 32 6.15 0.05 -5.04
N LYS A 33 5.74 -0.80 -5.98
CA LYS A 33 4.34 -0.88 -6.38
C LYS A 33 3.59 -1.91 -5.54
N ASP A 34 2.27 -1.83 -5.56
CA ASP A 34 1.44 -2.76 -4.80
C ASP A 34 1.32 -4.07 -5.57
N GLY A 1 -10.80 -4.52 5.61
CA GLY A 1 -11.81 -5.60 5.42
C GLY A 1 -11.63 -6.25 4.05
N SER A 2 -10.54 -5.92 3.37
CA SER A 2 -10.26 -6.48 2.05
C SER A 2 -8.83 -7.04 1.98
N VAL A 3 -8.26 -7.02 0.79
CA VAL A 3 -6.89 -7.52 0.60
C VAL A 3 -5.87 -6.41 0.88
N GLY A 4 -4.96 -6.69 1.81
CA GLY A 4 -3.92 -5.73 2.21
C GLY A 4 -3.59 -4.71 1.11
N CYS A 5 -3.16 -5.20 -0.04
CA CYS A 5 -2.78 -4.32 -1.14
C CYS A 5 -3.88 -3.32 -1.49
N ALA A 6 -5.12 -3.67 -1.18
CA ALA A 6 -6.24 -2.76 -1.44
C ALA A 6 -6.43 -1.83 -0.25
N GLU A 7 -6.31 -2.41 0.95
CA GLU A 7 -6.44 -1.64 2.17
C GLU A 7 -5.23 -0.75 2.35
N CYS A 8 -4.07 -1.25 1.92
CA CYS A 8 -2.83 -0.50 2.03
C CYS A 8 -3.01 0.92 1.50
N PRO A 9 -3.42 1.07 0.25
CA PRO A 9 -3.65 2.41 -0.33
C PRO A 9 -4.74 3.12 0.47
N MET A 10 -5.82 2.40 0.76
CA MET A 10 -6.90 2.96 1.57
C MET A 10 -6.34 3.49 2.88
N HIS A 11 -5.35 2.77 3.42
CA HIS A 11 -4.72 3.18 4.68
C HIS A 11 -3.67 4.27 4.41
N CYS A 12 -3.64 4.78 3.18
CA CYS A 12 -2.70 5.83 2.82
C CYS A 12 -3.38 7.18 2.93
N LYS A 13 -2.64 8.16 3.39
CA LYS A 13 -3.19 9.50 3.62
C LYS A 13 -2.90 10.45 2.45
N GLY A 14 -3.90 11.28 2.15
CA GLY A 14 -3.84 12.27 1.07
C GLY A 14 -2.47 12.95 0.96
N LYS A 15 -2.06 13.19 -0.29
CA LYS A 15 -0.78 13.86 -0.59
C LYS A 15 0.37 12.85 -0.71
N MET A 16 0.19 11.67 -0.12
CA MET A 16 1.22 10.63 -0.19
C MET A 16 0.58 9.26 -0.35
N ALA A 17 0.53 8.76 -1.59
CA ALA A 17 -0.08 7.44 -1.81
C ALA A 17 0.80 6.53 -2.66
N LYS A 18 1.18 5.42 -2.05
CA LYS A 18 2.01 4.42 -2.70
C LYS A 18 1.91 3.08 -1.97
N PRO A 19 0.91 2.30 -2.32
CA PRO A 19 0.69 0.97 -1.70
C PRO A 19 1.76 -0.03 -2.11
N THR A 20 2.50 -0.53 -1.15
CA THR A 20 3.57 -1.47 -1.42
C THR A 20 3.24 -2.82 -0.82
N CYS A 21 3.13 -3.82 -1.69
CA CYS A 21 2.84 -5.18 -1.25
C CYS A 21 4.05 -6.08 -1.53
N GLU A 22 4.66 -6.58 -0.47
CA GLU A 22 5.82 -7.42 -0.60
C GLU A 22 5.75 -8.55 0.42
N ASN A 23 5.90 -9.76 -0.09
CA ASN A 23 5.83 -10.99 0.73
C ASN A 23 4.64 -10.94 1.69
N GLU A 24 3.47 -10.66 1.14
CA GLU A 24 2.23 -10.59 1.92
C GLU A 24 2.23 -9.40 2.88
N VAL A 25 3.30 -8.61 2.84
CA VAL A 25 3.39 -7.44 3.70
C VAL A 25 3.03 -6.20 2.88
N CYS A 26 1.99 -5.50 3.30
CA CYS A 26 1.55 -4.30 2.60
C CYS A 26 1.93 -3.03 3.38
N LYS A 27 2.56 -2.09 2.68
CA LYS A 27 2.96 -0.82 3.29
C LYS A 27 2.80 0.31 2.28
N CYS A 28 2.61 1.53 2.75
CA CYS A 28 2.47 2.67 1.85
C CYS A 28 3.78 3.44 1.76
N ASN A 29 4.69 2.96 0.92
CA ASN A 29 6.00 3.60 0.74
C ASN A 29 6.24 3.97 -0.72
N ILE A 30 6.67 5.21 -0.95
CA ILE A 30 6.96 5.68 -2.31
C ILE A 30 8.07 4.86 -2.96
N GLY A 31 7.91 4.62 -4.24
CA GLY A 31 8.87 3.83 -5.02
C GLY A 31 8.27 2.51 -5.50
N LYS A 32 7.21 2.07 -4.82
CA LYS A 32 6.53 0.82 -5.19
C LYS A 32 5.02 1.04 -5.17
N LYS A 33 4.33 0.51 -6.19
CA LYS A 33 2.88 0.68 -6.29
C LYS A 33 2.18 -0.66 -6.51
N ASP A 34 1.51 -1.14 -5.47
CA ASP A 34 0.78 -2.40 -5.55
C ASP A 34 -0.73 -2.14 -5.46
N GLY A 1 -0.85 -7.21 -4.79
CA GLY A 1 -0.64 -8.26 -3.75
C GLY A 1 -2.00 -8.71 -3.21
N SER A 2 -2.01 -9.18 -1.97
CA SER A 2 -3.24 -9.65 -1.33
C SER A 2 -4.13 -8.48 -0.91
N VAL A 3 -5.34 -8.79 -0.45
CA VAL A 3 -6.29 -7.76 0.00
C VAL A 3 -5.58 -6.57 0.62
N GLY A 4 -4.78 -6.84 1.66
CA GLY A 4 -4.04 -5.77 2.34
C GLY A 4 -3.59 -4.69 1.37
N CYS A 5 -3.12 -5.12 0.20
CA CYS A 5 -2.65 -4.20 -0.82
C CYS A 5 -3.74 -3.21 -1.23
N ALA A 6 -4.98 -3.58 -0.96
CA ALA A 6 -6.12 -2.72 -1.27
C ALA A 6 -6.41 -1.83 -0.06
N GLU A 7 -6.36 -2.45 1.11
CA GLU A 7 -6.58 -1.72 2.36
C GLU A 7 -5.41 -0.79 2.62
N CYS A 8 -4.22 -1.27 2.26
CA CYS A 8 -2.99 -0.49 2.44
C CYS A 8 -3.14 0.92 1.87
N PRO A 9 -3.43 1.06 0.59
CA PRO A 9 -3.62 2.39 -0.03
C PRO A 9 -4.76 3.14 0.63
N MET A 10 -5.84 2.42 0.92
CA MET A 10 -6.98 3.02 1.59
C MET A 10 -6.51 3.66 2.90
N HIS A 11 -5.45 3.10 3.47
CA HIS A 11 -4.88 3.62 4.71
C HIS A 11 -3.71 4.56 4.42
N CYS A 12 -3.71 5.16 3.22
CA CYS A 12 -2.65 6.10 2.85
C CYS A 12 -3.12 7.52 3.12
N LYS A 13 -2.20 8.36 3.57
CA LYS A 13 -2.55 9.72 3.92
C LYS A 13 -2.25 10.71 2.79
N GLY A 14 -3.17 11.67 2.62
CA GLY A 14 -3.07 12.69 1.58
C GLY A 14 -1.64 13.19 1.39
N LYS A 15 -1.26 13.44 0.13
CA LYS A 15 0.07 13.93 -0.22
C LYS A 15 1.03 12.77 -0.51
N MET A 16 0.69 11.59 0.02
CA MET A 16 1.52 10.41 -0.20
C MET A 16 0.63 9.18 -0.40
N ALA A 17 0.44 8.76 -1.65
CA ALA A 17 -0.40 7.61 -1.91
C ALA A 17 0.15 6.69 -3.00
N LYS A 18 0.68 5.57 -2.54
CA LYS A 18 1.22 4.52 -3.40
C LYS A 18 1.37 3.24 -2.59
N PRO A 19 0.54 2.27 -2.87
CA PRO A 19 0.53 0.97 -2.13
C PRO A 19 1.54 -0.04 -2.66
N THR A 20 1.93 -0.97 -1.79
CA THR A 20 2.87 -2.02 -2.16
C THR A 20 2.68 -3.23 -1.25
N CYS A 21 3.07 -4.39 -1.75
CA CYS A 21 2.94 -5.62 -0.99
C CYS A 21 4.14 -6.53 -1.21
N GLU A 22 4.82 -6.88 -0.12
CA GLU A 22 5.94 -7.76 -0.18
C GLU A 22 5.89 -8.65 1.04
N ASN A 23 6.23 -9.90 0.84
CA ASN A 23 6.19 -10.91 1.91
C ASN A 23 4.80 -10.96 2.54
N GLU A 24 3.79 -10.79 1.70
CA GLU A 24 2.39 -10.81 2.15
C GLU A 24 2.06 -9.61 3.02
N VAL A 25 3.04 -8.75 3.24
CA VAL A 25 2.84 -7.56 4.07
C VAL A 25 2.61 -6.35 3.18
N CYS A 26 1.38 -5.84 3.16
CA CYS A 26 1.06 -4.68 2.35
C CYS A 26 1.55 -3.40 3.02
N LYS A 27 1.90 -2.42 2.19
CA LYS A 27 2.41 -1.14 2.69
C LYS A 27 2.11 0.00 1.72
N CYS A 28 2.17 1.22 2.22
CA CYS A 28 1.96 2.41 1.40
C CYS A 28 3.25 3.20 1.39
N ASN A 29 4.08 2.95 0.39
CA ASN A 29 5.40 3.58 0.31
C ASN A 29 5.63 4.29 -1.02
N ILE A 30 6.29 5.43 -0.95
CA ILE A 30 6.64 6.20 -2.15
C ILE A 30 7.80 5.54 -2.89
N GLY A 31 7.58 5.29 -4.17
CA GLY A 31 8.58 4.64 -5.01
C GLY A 31 8.13 3.24 -5.43
N LYS A 32 7.18 2.69 -4.69
CA LYS A 32 6.65 1.36 -5.00
C LYS A 32 5.13 1.42 -5.19
N LYS A 33 4.64 0.68 -6.17
CA LYS A 33 3.20 0.67 -6.47
C LYS A 33 2.69 -0.76 -6.71
N ASP A 34 1.76 -1.19 -5.87
CA ASP A 34 1.18 -2.52 -5.99
C ASP A 34 0.12 -2.56 -7.10
N GLY A 1 -10.45 -4.97 6.36
CA GLY A 1 -11.77 -5.42 5.83
C GLY A 1 -11.56 -6.22 4.55
N SER A 2 -10.82 -5.62 3.61
CA SER A 2 -10.55 -6.28 2.32
C SER A 2 -9.12 -6.83 2.30
N VAL A 3 -8.54 -6.91 1.10
CA VAL A 3 -7.17 -7.40 0.95
C VAL A 3 -6.17 -6.30 1.28
N GLY A 4 -5.27 -6.59 2.23
CA GLY A 4 -4.26 -5.63 2.66
C GLY A 4 -3.84 -4.69 1.53
N CYS A 5 -3.42 -5.24 0.40
CA CYS A 5 -2.98 -4.43 -0.73
C CYS A 5 -4.04 -3.40 -1.14
N ALA A 6 -5.29 -3.68 -0.83
CA ALA A 6 -6.37 -2.74 -1.15
C ALA A 6 -6.55 -1.76 0.00
N GLU A 7 -6.51 -2.30 1.21
CA GLU A 7 -6.65 -1.49 2.41
C GLU A 7 -5.40 -0.62 2.57
N CYS A 8 -4.26 -1.18 2.20
CA CYS A 8 -2.99 -0.47 2.30
C CYS A 8 -3.11 0.94 1.73
N PRO A 9 -3.45 1.07 0.47
CA PRO A 9 -3.63 2.41 -0.16
C PRO A 9 -4.76 3.16 0.53
N MET A 10 -5.80 2.43 0.91
CA MET A 10 -6.93 3.03 1.62
C MET A 10 -6.45 3.58 2.96
N HIS A 11 -5.50 2.86 3.58
CA HIS A 11 -4.94 3.29 4.85
C HIS A 11 -3.84 4.33 4.63
N CYS A 12 -3.87 4.96 3.46
CA CYS A 12 -2.88 5.98 3.12
C CYS A 12 -3.46 7.37 3.35
N LYS A 13 -2.61 8.30 3.79
CA LYS A 13 -3.07 9.65 4.09
C LYS A 13 -2.83 10.64 2.93
N GLY A 14 -3.81 11.52 2.74
CA GLY A 14 -3.79 12.53 1.67
C GLY A 14 -2.40 13.15 1.46
N LYS A 15 -2.08 13.40 0.18
CA LYS A 15 -0.80 14.00 -0.21
C LYS A 15 0.26 12.92 -0.43
N MET A 16 0.05 11.75 0.17
CA MET A 16 0.98 10.64 0.02
C MET A 16 0.23 9.31 -0.09
N ALA A 17 0.05 8.81 -1.32
CA ALA A 17 -0.65 7.53 -1.49
C ALA A 17 -0.02 6.66 -2.57
N LYS A 18 0.51 5.54 -2.14
CA LYS A 18 1.15 4.56 -3.02
C LYS A 18 1.25 3.21 -2.32
N PRO A 19 0.48 2.25 -2.77
CA PRO A 19 0.47 0.90 -2.15
C PRO A 19 1.67 0.02 -2.50
N THR A 20 2.26 -0.58 -1.46
CA THR A 20 3.40 -1.47 -1.65
C THR A 20 3.10 -2.81 -0.99
N CYS A 21 2.99 -3.84 -1.81
CA CYS A 21 2.73 -5.18 -1.30
C CYS A 21 3.90 -6.09 -1.61
N GLU A 22 4.60 -6.53 -0.57
CA GLU A 22 5.75 -7.37 -0.73
C GLU A 22 5.77 -8.45 0.36
N ASN A 23 5.93 -9.67 -0.09
CA ASN A 23 5.96 -10.84 0.79
C ASN A 23 4.82 -10.82 1.81
N GLU A 24 3.60 -10.63 1.31
CA GLU A 24 2.42 -10.60 2.17
C GLU A 24 2.40 -9.36 3.05
N VAL A 25 3.41 -8.50 2.90
CA VAL A 25 3.48 -7.27 3.69
C VAL A 25 3.07 -6.08 2.82
N CYS A 26 1.92 -5.48 3.17
CA CYS A 26 1.43 -4.34 2.41
C CYS A 26 1.68 -3.04 3.16
N LYS A 27 2.27 -2.06 2.46
CA LYS A 27 2.56 -0.76 3.07
C LYS A 27 2.39 0.36 2.05
N CYS A 28 2.23 1.59 2.55
CA CYS A 28 2.10 2.75 1.66
C CYS A 28 3.46 3.45 1.55
N ASN A 29 4.23 3.09 0.52
CA ASN A 29 5.57 3.68 0.35
C ASN A 29 5.87 4.00 -1.12
N ILE A 30 6.55 5.12 -1.33
CA ILE A 30 6.95 5.55 -2.66
C ILE A 30 8.20 4.82 -3.11
N GLY A 31 8.25 4.49 -4.40
CA GLY A 31 9.40 3.81 -4.99
C GLY A 31 9.11 2.38 -5.43
N LYS A 32 8.05 1.78 -4.89
CA LYS A 32 7.71 0.40 -5.29
C LYS A 32 6.19 0.21 -5.42
N LYS A 33 5.69 0.32 -6.65
CA LYS A 33 4.27 0.15 -6.92
C LYS A 33 3.90 -1.34 -6.96
N ASP A 34 2.61 -1.63 -6.81
CA ASP A 34 2.13 -3.00 -6.82
C ASP A 34 1.53 -3.34 -8.18
N GLY A 1 -10.44 -5.29 6.19
CA GLY A 1 -11.70 -5.95 5.74
C GLY A 1 -11.46 -6.65 4.41
N SER A 2 -10.72 -5.98 3.51
CA SER A 2 -10.43 -6.56 2.19
C SER A 2 -8.99 -7.04 2.11
N VAL A 3 -8.46 -7.11 0.90
CA VAL A 3 -7.09 -7.55 0.68
C VAL A 3 -6.11 -6.43 1.03
N GLY A 4 -5.22 -6.71 1.97
CA GLY A 4 -4.22 -5.72 2.41
C GLY A 4 -3.86 -4.72 1.32
N CYS A 5 -3.40 -5.21 0.18
CA CYS A 5 -3.02 -4.35 -0.94
C CYS A 5 -4.11 -3.32 -1.27
N ALA A 6 -5.35 -3.65 -0.96
CA ALA A 6 -6.46 -2.73 -1.21
C ALA A 6 -6.62 -1.79 -0.02
N GLU A 7 -6.54 -2.36 1.16
CA GLU A 7 -6.66 -1.59 2.39
C GLU A 7 -5.41 -0.72 2.57
N CYS A 8 -4.27 -1.25 2.12
CA CYS A 8 -3.01 -0.54 2.22
C CYS A 8 -3.15 0.90 1.74
N PRO A 9 -3.54 1.10 0.50
CA PRO A 9 -3.75 2.46 -0.06
C PRO A 9 -4.85 3.18 0.72
N MET A 10 -5.93 2.45 1.00
CA MET A 10 -7.04 3.02 1.77
C MET A 10 -6.51 3.56 3.09
N HIS A 11 -5.46 2.92 3.60
CA HIS A 11 -4.84 3.36 4.85
C HIS A 11 -3.77 4.40 4.57
N CYS A 12 -3.79 4.96 3.37
CA CYS A 12 -2.83 5.99 3.00
C CYS A 12 -3.47 7.36 3.19
N LYS A 13 -2.69 8.32 3.66
CA LYS A 13 -3.21 9.65 3.95
C LYS A 13 -2.94 10.64 2.81
N GLY A 14 -3.91 11.52 2.57
CA GLY A 14 -3.83 12.53 1.52
C GLY A 14 -2.44 13.15 1.41
N LYS A 15 -2.02 13.41 0.16
CA LYS A 15 -0.71 13.99 -0.15
C LYS A 15 0.35 12.91 -0.34
N MET A 16 0.09 11.71 0.17
CA MET A 16 1.04 10.61 0.03
C MET A 16 0.32 9.30 -0.26
N ALA A 17 0.29 8.91 -1.54
CA ALA A 17 -0.37 7.66 -1.93
C ALA A 17 0.53 6.81 -2.81
N LYS A 18 0.89 5.67 -2.26
CA LYS A 18 1.76 4.71 -2.95
C LYS A 18 1.68 3.33 -2.30
N PRO A 19 0.79 2.50 -2.79
CA PRO A 19 0.57 1.12 -2.24
C PRO A 19 1.71 0.16 -2.59
N THR A 20 2.30 -0.44 -1.57
CA THR A 20 3.40 -1.39 -1.75
C THR A 20 3.02 -2.74 -1.14
N CYS A 21 3.04 -3.79 -1.97
CA CYS A 21 2.70 -5.15 -1.52
C CYS A 21 3.84 -6.10 -1.87
N GLU A 22 4.52 -6.58 -0.84
CA GLU A 22 5.63 -7.47 -1.01
C GLU A 22 5.61 -8.54 0.07
N ASN A 23 5.81 -9.76 -0.36
CA ASN A 23 5.84 -10.93 0.54
C ASN A 23 4.76 -10.85 1.62
N GLU A 24 3.54 -10.60 1.19
CA GLU A 24 2.39 -10.51 2.10
C GLU A 24 2.46 -9.28 3.00
N VAL A 25 3.48 -8.44 2.81
CA VAL A 25 3.63 -7.23 3.62
C VAL A 25 3.21 -6.00 2.81
N CYS A 26 2.01 -5.51 3.06
CA CYS A 26 1.50 -4.34 2.35
C CYS A 26 1.86 -3.05 3.09
N LYS A 27 2.28 -2.04 2.35
CA LYS A 27 2.65 -0.75 2.96
C LYS A 27 2.46 0.38 1.96
N CYS A 28 2.34 1.61 2.47
CA CYS A 28 2.20 2.78 1.60
C CYS A 28 3.53 3.53 1.51
N ASN A 29 4.41 3.07 0.62
CA ASN A 29 5.72 3.70 0.45
C ASN A 29 6.00 4.06 -1.01
N ILE A 30 6.50 5.27 -1.24
CA ILE A 30 6.80 5.73 -2.59
C ILE A 30 8.04 5.04 -3.14
N GLY A 31 8.00 4.73 -4.42
CA GLY A 31 9.11 4.07 -5.10
C GLY A 31 8.78 2.63 -5.50
N LYS A 32 7.78 2.04 -4.88
CA LYS A 32 7.40 0.67 -5.18
C LYS A 32 5.89 0.51 -5.37
N LYS A 33 5.50 -0.32 -6.32
CA LYS A 33 4.09 -0.59 -6.61
C LYS A 33 3.59 -1.78 -5.78
N ASP A 34 2.28 -1.94 -5.69
CA ASP A 34 1.70 -3.04 -4.92
C ASP A 34 1.81 -4.35 -5.68
N GLY A 1 -0.23 -12.49 -1.93
CA GLY A 1 -1.18 -11.38 -2.25
C GLY A 1 -2.31 -11.40 -1.22
N SER A 2 -2.38 -10.36 -0.41
CA SER A 2 -3.42 -10.27 0.63
C SER A 2 -4.21 -8.97 0.50
N VAL A 3 -5.50 -9.04 0.84
CA VAL A 3 -6.40 -7.88 0.77
C VAL A 3 -5.70 -6.60 1.24
N GLY A 4 -4.88 -6.71 2.28
CA GLY A 4 -4.15 -5.55 2.80
C GLY A 4 -3.75 -4.61 1.68
N CYS A 5 -3.30 -5.17 0.56
CA CYS A 5 -2.89 -4.38 -0.59
C CYS A 5 -3.99 -3.42 -1.03
N ALA A 6 -5.24 -3.77 -0.72
CA ALA A 6 -6.37 -2.92 -1.08
C ALA A 6 -6.58 -1.89 0.03
N GLU A 7 -6.56 -2.36 1.27
CA GLU A 7 -6.72 -1.48 2.42
C GLU A 7 -5.52 -0.54 2.51
N CYS A 8 -4.33 -1.08 2.21
CA CYS A 8 -3.09 -0.31 2.26
C CYS A 8 -3.25 1.07 1.63
N PRO A 9 -3.59 1.13 0.37
CA PRO A 9 -3.79 2.44 -0.33
C PRO A 9 -4.99 3.18 0.24
N MET A 10 -6.01 2.42 0.63
CA MET A 10 -7.20 3.02 1.23
C MET A 10 -6.84 3.68 2.55
N HIS A 11 -6.08 2.96 3.36
CA HIS A 11 -5.64 3.48 4.66
C HIS A 11 -4.38 4.34 4.48
N CYS A 12 -4.33 5.07 3.37
CA CYS A 12 -3.20 5.95 3.06
C CYS A 12 -3.50 7.39 3.45
N LYS A 13 -2.47 8.09 3.89
CA LYS A 13 -2.63 9.49 4.31
C LYS A 13 -2.26 10.48 3.20
N GLY A 14 -3.06 11.53 3.11
CA GLY A 14 -2.89 12.59 2.09
C GLY A 14 -1.43 13.04 1.92
N LYS A 15 -1.08 13.32 0.66
CA LYS A 15 0.26 13.79 0.28
C LYS A 15 1.18 12.63 -0.12
N MET A 16 0.88 11.43 0.37
CA MET A 16 1.67 10.25 0.03
C MET A 16 0.76 9.04 -0.12
N ALA A 17 0.40 8.68 -1.35
CA ALA A 17 -0.49 7.54 -1.53
C ALA A 17 -0.12 6.66 -2.71
N LYS A 18 0.39 5.48 -2.39
CA LYS A 18 0.73 4.48 -3.40
C LYS A 18 0.90 3.11 -2.72
N PRO A 19 0.19 2.12 -3.21
CA PRO A 19 0.19 0.75 -2.63
C PRO A 19 1.50 -0.01 -2.85
N THR A 20 1.99 -0.60 -1.77
CA THR A 20 3.22 -1.40 -1.83
C THR A 20 3.02 -2.69 -1.05
N CYS A 21 3.05 -3.81 -1.78
CA CYS A 21 2.87 -5.12 -1.18
C CYS A 21 4.07 -6.01 -1.50
N GLU A 22 4.77 -6.42 -0.45
CA GLU A 22 5.96 -7.24 -0.59
C GLU A 22 5.98 -8.30 0.49
N ASN A 23 5.80 -9.54 0.06
CA ASN A 23 5.77 -10.72 0.96
C ASN A 23 4.55 -10.65 1.89
N GLU A 24 3.41 -10.33 1.29
CA GLU A 24 2.14 -10.23 2.02
C GLU A 24 2.14 -9.04 2.97
N VAL A 25 3.24 -8.29 2.99
CA VAL A 25 3.32 -7.11 3.83
C VAL A 25 3.04 -5.88 2.98
N CYS A 26 1.86 -5.30 3.17
CA CYS A 26 1.45 -4.14 2.39
C CYS A 26 1.67 -2.83 3.15
N LYS A 27 2.17 -1.83 2.43
CA LYS A 27 2.41 -0.51 3.03
C LYS A 27 2.18 0.59 1.98
N CYS A 28 1.89 1.80 2.45
CA CYS A 28 1.70 2.93 1.54
C CYS A 28 3.00 3.72 1.47
N ASN A 29 3.84 3.38 0.49
CA ASN A 29 5.13 4.06 0.36
C ASN A 29 5.52 4.30 -1.09
N ILE A 30 6.11 5.46 -1.35
CA ILE A 30 6.56 5.81 -2.68
C ILE A 30 7.84 5.07 -3.05
N GLY A 31 7.93 4.70 -4.31
CA GLY A 31 9.12 3.99 -4.82
C GLY A 31 8.80 2.56 -5.23
N LYS A 32 7.71 2.01 -4.71
CA LYS A 32 7.31 0.63 -5.04
C LYS A 32 5.86 0.59 -5.51
N LYS A 33 5.58 -0.23 -6.52
CA LYS A 33 4.23 -0.36 -7.03
C LYS A 33 3.79 -1.83 -7.01
N ASP A 34 2.50 -2.06 -6.83
CA ASP A 34 1.97 -3.42 -6.77
C ASP A 34 1.29 -3.78 -8.09
N GLY A 1 -0.81 -11.06 -1.75
CA GLY A 1 -2.02 -11.88 -1.99
C GLY A 1 -3.15 -11.40 -1.09
N SER A 2 -2.83 -11.16 0.18
CA SER A 2 -3.84 -10.70 1.14
C SER A 2 -4.52 -9.43 0.63
N VAL A 3 -5.72 -9.18 1.15
CA VAL A 3 -6.48 -7.99 0.74
C VAL A 3 -5.80 -6.72 1.22
N GLY A 4 -4.95 -6.84 2.24
CA GLY A 4 -4.23 -5.69 2.77
C GLY A 4 -3.82 -4.73 1.66
N CYS A 5 -3.36 -5.29 0.55
CA CYS A 5 -2.94 -4.48 -0.59
C CYS A 5 -4.05 -3.54 -1.03
N ALA A 6 -5.29 -3.86 -0.67
CA ALA A 6 -6.43 -3.02 -1.01
C ALA A 6 -6.64 -1.98 0.09
N GLU A 7 -6.61 -2.46 1.33
CA GLU A 7 -6.77 -1.57 2.47
C GLU A 7 -5.55 -0.65 2.59
N CYS A 8 -4.38 -1.21 2.28
CA CYS A 8 -3.13 -0.47 2.33
C CYS A 8 -3.26 0.90 1.66
N PRO A 9 -3.62 0.93 0.40
CA PRO A 9 -3.80 2.22 -0.32
C PRO A 9 -4.91 3.02 0.33
N MET A 10 -5.96 2.34 0.75
CA MET A 10 -7.07 3.00 1.41
C MET A 10 -6.57 3.68 2.68
N HIS A 11 -5.77 2.96 3.47
CA HIS A 11 -5.21 3.50 4.70
C HIS A 11 -4.00 4.41 4.41
N CYS A 12 -4.02 5.07 3.26
CA CYS A 12 -2.93 5.99 2.88
C CYS A 12 -3.30 7.43 3.17
N LYS A 13 -2.31 8.23 3.55
CA LYS A 13 -2.54 9.63 3.90
C LYS A 13 -2.27 10.58 2.72
N GLY A 14 -3.13 11.59 2.60
CA GLY A 14 -3.06 12.59 1.54
C GLY A 14 -1.65 13.12 1.29
N LYS A 15 -1.35 13.35 0.00
CA LYS A 15 -0.05 13.88 -0.46
C LYS A 15 0.93 12.75 -0.81
N MET A 16 0.70 11.57 -0.23
CA MET A 16 1.55 10.41 -0.50
C MET A 16 0.67 9.16 -0.52
N ALA A 17 0.28 8.70 -1.72
CA ALA A 17 -0.59 7.51 -1.77
C ALA A 17 -0.24 6.54 -2.91
N LYS A 18 0.37 5.46 -2.52
CA LYS A 18 0.73 4.38 -3.42
C LYS A 18 1.08 3.12 -2.61
N PRO A 19 0.31 2.08 -2.77
CA PRO A 19 0.49 0.82 -2.00
C PRO A 19 1.70 -0.01 -2.40
N THR A 20 2.37 -0.53 -1.39
CA THR A 20 3.53 -1.39 -1.58
C THR A 20 3.23 -2.76 -0.98
N CYS A 21 3.25 -3.78 -1.82
CA CYS A 21 2.98 -5.13 -1.35
C CYS A 21 4.15 -6.05 -1.68
N GLU A 22 4.75 -6.58 -0.62
CA GLU A 22 5.89 -7.45 -0.73
C GLU A 22 5.75 -8.54 0.32
N ASN A 23 5.98 -9.76 -0.09
CA ASN A 23 5.86 -10.93 0.78
C ASN A 23 4.62 -10.82 1.68
N GLU A 24 3.50 -10.48 1.07
CA GLU A 24 2.23 -10.35 1.78
C GLU A 24 2.23 -9.16 2.73
N VAL A 25 3.29 -8.37 2.72
CA VAL A 25 3.37 -7.19 3.58
C VAL A 25 2.99 -5.95 2.79
N CYS A 26 1.76 -5.51 2.97
CA CYS A 26 1.25 -4.34 2.26
C CYS A 26 1.46 -3.08 3.07
N LYS A 27 2.03 -2.06 2.43
CA LYS A 27 2.28 -0.77 3.10
C LYS A 27 2.23 0.36 2.08
N CYS A 28 1.88 1.56 2.53
CA CYS A 28 1.87 2.72 1.65
C CYS A 28 3.25 3.36 1.69
N ASN A 29 4.07 3.11 0.68
CA ASN A 29 5.43 3.63 0.66
C ASN A 29 5.82 4.08 -0.74
N ILE A 30 6.54 5.18 -0.84
CA ILE A 30 6.99 5.69 -2.13
C ILE A 30 8.19 4.90 -2.65
N GLY A 31 8.19 4.66 -3.96
CA GLY A 31 9.26 3.91 -4.62
C GLY A 31 8.78 2.55 -5.15
N LYS A 32 7.67 2.05 -4.59
CA LYS A 32 7.09 0.78 -5.04
C LYS A 32 5.57 0.91 -5.20
N LYS A 33 5.08 0.65 -6.41
CA LYS A 33 3.63 0.77 -6.68
C LYS A 33 2.99 -0.58 -6.98
N ASP A 34 2.36 -1.17 -5.96
CA ASP A 34 1.69 -2.45 -6.15
C ASP A 34 0.19 -2.25 -6.40
N GLY A 1 -10.07 -5.54 6.46
CA GLY A 1 -11.35 -5.66 5.67
C GLY A 1 -11.10 -6.53 4.44
N SER A 2 -10.60 -5.91 3.38
CA SER A 2 -10.30 -6.62 2.14
C SER A 2 -8.85 -7.09 2.14
N VAL A 3 -8.26 -7.20 0.95
CA VAL A 3 -6.88 -7.63 0.83
C VAL A 3 -5.93 -6.48 1.17
N GLY A 4 -5.01 -6.75 2.09
CA GLY A 4 -4.03 -5.75 2.53
C GLY A 4 -3.66 -4.78 1.41
N CYS A 5 -3.17 -5.30 0.30
CA CYS A 5 -2.75 -4.45 -0.83
C CYS A 5 -3.86 -3.48 -1.24
N ALA A 6 -5.09 -3.80 -0.89
CA ALA A 6 -6.21 -2.91 -1.23
C ALA A 6 -6.45 -1.93 -0.09
N GLU A 7 -6.39 -2.45 1.12
CA GLU A 7 -6.58 -1.62 2.32
C GLU A 7 -5.34 -0.75 2.53
N CYS A 8 -4.18 -1.30 2.16
CA CYS A 8 -2.92 -0.59 2.29
C CYS A 8 -3.00 0.80 1.67
N PRO A 9 -3.34 0.89 0.41
CA PRO A 9 -3.48 2.20 -0.29
C PRO A 9 -4.65 2.98 0.29
N MET A 10 -5.70 2.26 0.66
CA MET A 10 -6.87 2.89 1.25
C MET A 10 -6.45 3.61 2.54
N HIS A 11 -5.54 2.98 3.28
CA HIS A 11 -5.05 3.55 4.53
C HIS A 11 -3.89 4.51 4.27
N CYS A 12 -3.89 5.12 3.08
CA CYS A 12 -2.83 6.07 2.73
C CYS A 12 -3.31 7.48 2.99
N LYS A 13 -2.40 8.32 3.46
CA LYS A 13 -2.73 9.70 3.79
C LYS A 13 -2.37 10.66 2.64
N GLY A 14 -3.25 11.63 2.42
CA GLY A 14 -3.09 12.62 1.36
C GLY A 14 -1.65 13.11 1.19
N LYS A 15 -1.26 13.32 -0.07
CA LYS A 15 0.09 13.80 -0.43
C LYS A 15 1.04 12.64 -0.76
N MET A 16 0.75 11.45 -0.23
CA MET A 16 1.58 10.28 -0.47
C MET A 16 0.71 9.03 -0.61
N ALA A 17 0.43 8.59 -1.84
CA ALA A 17 -0.41 7.41 -2.00
C ALA A 17 0.13 6.42 -3.04
N LYS A 18 0.64 5.32 -2.51
CA LYS A 18 1.17 4.22 -3.32
C LYS A 18 1.31 2.97 -2.46
N PRO A 19 0.58 1.93 -2.77
CA PRO A 19 0.61 0.66 -1.97
C PRO A 19 1.81 -0.21 -2.30
N THR A 20 2.54 -0.60 -1.26
CA THR A 20 3.70 -1.47 -1.43
C THR A 20 3.40 -2.84 -0.84
N CYS A 21 3.33 -3.84 -1.71
CA CYS A 21 3.04 -5.20 -1.28
C CYS A 21 4.21 -6.13 -1.62
N GLU A 22 4.83 -6.67 -0.58
CA GLU A 22 5.95 -7.55 -0.73
C GLU A 22 5.86 -8.66 0.31
N ASN A 23 6.08 -9.86 -0.15
CA ASN A 23 6.04 -11.05 0.72
C ASN A 23 4.87 -10.99 1.71
N GLU A 24 3.68 -10.75 1.17
CA GLU A 24 2.46 -10.69 1.99
C GLU A 24 2.44 -9.46 2.89
N VAL A 25 3.49 -8.64 2.82
CA VAL A 25 3.55 -7.43 3.64
C VAL A 25 3.15 -6.22 2.81
N CYS A 26 1.96 -5.67 3.11
CA CYS A 26 1.47 -4.51 2.39
C CYS A 26 1.70 -3.23 3.19
N LYS A 27 2.27 -2.22 2.55
CA LYS A 27 2.53 -0.94 3.19
C LYS A 27 2.40 0.19 2.18
N CYS A 28 1.93 1.35 2.62
CA CYS A 28 1.80 2.50 1.72
C CYS A 28 3.09 3.31 1.78
N ASN A 29 3.95 3.12 0.78
CA ASN A 29 5.23 3.81 0.74
C ASN A 29 5.61 4.28 -0.66
N ILE A 30 6.20 5.46 -0.73
CA ILE A 30 6.64 6.03 -2.00
C ILE A 30 7.80 5.22 -2.57
N GLY A 31 7.78 5.03 -3.88
CA GLY A 31 8.82 4.29 -4.58
C GLY A 31 8.29 2.95 -5.13
N LYS A 32 7.18 2.48 -4.55
CA LYS A 32 6.58 1.22 -4.99
C LYS A 32 5.05 1.33 -5.01
N LYS A 33 4.42 0.75 -6.02
CA LYS A 33 2.96 0.81 -6.14
C LYS A 33 2.39 -0.51 -6.64
N ASP A 34 1.86 -1.31 -5.71
CA ASP A 34 1.27 -2.59 -6.06
C ASP A 34 -0.25 -2.47 -6.17
N GLY A 1 -3.30 -13.88 2.72
CA GLY A 1 -4.35 -12.92 2.30
C GLY A 1 -3.75 -11.52 2.17
N SER A 2 -3.28 -11.20 0.97
CA SER A 2 -2.64 -9.89 0.73
C SER A 2 -3.67 -8.75 0.69
N VAL A 3 -4.87 -9.03 1.15
CA VAL A 3 -5.94 -8.04 1.19
C VAL A 3 -5.39 -6.66 1.57
N GLY A 4 -4.47 -6.66 2.52
CA GLY A 4 -3.84 -5.43 2.99
C GLY A 4 -3.57 -4.50 1.82
N CYS A 5 -3.21 -5.06 0.67
CA CYS A 5 -2.93 -4.26 -0.52
C CYS A 5 -4.13 -3.39 -0.87
N ALA A 6 -5.31 -3.79 -0.42
CA ALA A 6 -6.51 -3.01 -0.67
C ALA A 6 -6.65 -1.97 0.43
N GLU A 7 -6.51 -2.43 1.66
CA GLU A 7 -6.59 -1.54 2.81
C GLU A 7 -5.41 -0.57 2.81
N CYS A 8 -4.24 -1.07 2.43
CA CYS A 8 -3.02 -0.25 2.38
C CYS A 8 -3.29 1.10 1.72
N PRO A 9 -3.71 1.13 0.48
CA PRO A 9 -4.02 2.41 -0.21
C PRO A 9 -5.09 3.16 0.57
N MET A 10 -6.14 2.43 0.95
CA MET A 10 -7.21 3.03 1.74
C MET A 10 -6.63 3.62 3.02
N HIS A 11 -5.67 2.90 3.60
CA HIS A 11 -5.02 3.34 4.82
C HIS A 11 -3.93 4.37 4.51
N CYS A 12 -3.94 4.90 3.29
CA CYS A 12 -2.97 5.91 2.89
C CYS A 12 -3.62 7.28 3.03
N LYS A 13 -2.84 8.26 3.44
CA LYS A 13 -3.38 9.59 3.68
C LYS A 13 -3.14 10.54 2.50
N GLY A 14 -4.18 11.34 2.22
CA GLY A 14 -4.16 12.33 1.13
C GLY A 14 -2.84 13.08 1.03
N LYS A 15 -2.41 13.34 -0.21
CA LYS A 15 -1.17 14.06 -0.51
C LYS A 15 0.02 13.10 -0.63
N MET A 16 -0.11 11.91 -0.04
CA MET A 16 0.95 10.92 -0.12
C MET A 16 0.37 9.52 -0.33
N ALA A 17 0.39 9.07 -1.58
CA ALA A 17 -0.13 7.75 -1.90
C ALA A 17 0.93 6.91 -2.61
N LYS A 18 1.15 5.72 -2.09
CA LYS A 18 2.16 4.83 -2.64
C LYS A 18 1.94 3.39 -2.18
N PRO A 19 1.09 2.65 -2.86
CA PRO A 19 0.76 1.25 -2.49
C PRO A 19 1.93 0.30 -2.70
N THR A 20 2.48 -0.20 -1.61
CA THR A 20 3.59 -1.14 -1.67
C THR A 20 3.16 -2.46 -1.06
N CYS A 21 3.31 -3.52 -1.82
CA CYS A 21 2.94 -4.86 -1.36
C CYS A 21 4.01 -5.88 -1.72
N GLU A 22 4.55 -6.53 -0.70
CA GLU A 22 5.58 -7.52 -0.88
C GLU A 22 5.37 -8.67 0.10
N ASN A 23 5.47 -9.86 -0.42
CA ASN A 23 5.29 -11.09 0.36
C ASN A 23 4.10 -11.01 1.33
N GLU A 24 2.95 -10.61 0.79
CA GLU A 24 1.72 -10.48 1.57
C GLU A 24 1.77 -9.32 2.57
N VAL A 25 2.88 -8.58 2.60
CA VAL A 25 2.99 -7.44 3.52
C VAL A 25 2.70 -6.14 2.78
N CYS A 26 1.49 -5.61 2.96
CA CYS A 26 1.09 -4.37 2.29
C CYS A 26 1.55 -3.15 3.07
N LYS A 27 2.02 -2.15 2.33
CA LYS A 27 2.49 -0.89 2.93
C LYS A 27 2.27 0.26 1.94
N CYS A 28 2.26 1.48 2.45
CA CYS A 28 2.11 2.64 1.59
C CYS A 28 3.45 3.37 1.51
N ASN A 29 4.38 2.82 0.71
CA ASN A 29 5.72 3.40 0.58
C ASN A 29 6.15 3.57 -0.88
N ILE A 30 6.84 4.69 -1.12
CA ILE A 30 7.33 5.07 -2.46
C ILE A 30 8.58 4.27 -2.86
N GLY A 31 8.67 4.02 -4.17
CA GLY A 31 9.78 3.27 -4.76
C GLY A 31 9.29 1.95 -5.35
N LYS A 32 8.17 1.48 -4.84
CA LYS A 32 7.54 0.26 -5.34
C LYS A 32 6.03 0.43 -5.31
N LYS A 33 5.41 0.55 -6.49
CA LYS A 33 3.97 0.73 -6.55
C LYS A 33 3.26 -0.58 -6.87
N ASP A 34 2.45 -1.02 -5.94
CA ASP A 34 1.69 -2.25 -6.11
C ASP A 34 0.23 -1.95 -6.41
N GLY A 1 -2.66 -14.63 -0.66
CA GLY A 1 -3.55 -13.63 -1.32
C GLY A 1 -4.06 -12.64 -0.27
N SER A 2 -3.14 -11.85 0.26
CA SER A 2 -3.49 -10.86 1.29
C SER A 2 -4.33 -9.72 0.71
N VAL A 3 -5.14 -9.11 1.56
CA VAL A 3 -6.00 -7.99 1.13
C VAL A 3 -5.37 -6.66 1.54
N GLY A 4 -4.48 -6.71 2.54
CA GLY A 4 -3.82 -5.51 3.04
C GLY A 4 -3.46 -4.56 1.91
N CYS A 5 -2.91 -5.10 0.82
CA CYS A 5 -2.52 -4.25 -0.32
C CYS A 5 -3.71 -3.47 -0.87
N ALA A 6 -4.91 -3.82 -0.41
CA ALA A 6 -6.11 -3.09 -0.83
C ALA A 6 -6.37 -1.99 0.21
N GLU A 7 -6.33 -2.40 1.47
CA GLU A 7 -6.52 -1.46 2.57
C GLU A 7 -5.33 -0.51 2.64
N CYS A 8 -4.12 -1.07 2.47
CA CYS A 8 -2.90 -0.27 2.52
C CYS A 8 -3.07 1.04 1.76
N PRO A 9 -3.37 1.00 0.49
CA PRO A 9 -3.58 2.24 -0.31
C PRO A 9 -4.70 3.07 0.29
N MET A 10 -5.79 2.39 0.67
CA MET A 10 -6.91 3.09 1.30
C MET A 10 -6.45 3.71 2.61
N HIS A 11 -5.56 3.02 3.31
CA HIS A 11 -5.02 3.50 4.57
C HIS A 11 -3.81 4.41 4.33
N CYS A 12 -3.75 5.01 3.15
CA CYS A 12 -2.66 5.92 2.79
C CYS A 12 -3.12 7.36 3.01
N LYS A 13 -2.20 8.21 3.44
CA LYS A 13 -2.56 9.60 3.76
C LYS A 13 -2.30 10.56 2.58
N GLY A 14 -3.22 11.51 2.41
CA GLY A 14 -3.16 12.49 1.32
C GLY A 14 -1.74 12.99 1.08
N LYS A 15 -1.43 13.18 -0.21
CA LYS A 15 -0.11 13.66 -0.65
C LYS A 15 0.84 12.48 -0.87
N MET A 16 0.56 11.35 -0.23
CA MET A 16 1.41 10.17 -0.38
C MET A 16 0.54 8.92 -0.51
N ALA A 17 0.33 8.45 -1.73
CA ALA A 17 -0.48 7.25 -1.92
C ALA A 17 0.06 6.34 -3.01
N LYS A 18 0.61 5.23 -2.56
CA LYS A 18 1.16 4.21 -3.46
C LYS A 18 1.30 2.90 -2.68
N PRO A 19 0.51 1.91 -3.02
CA PRO A 19 0.52 0.59 -2.31
C PRO A 19 1.66 -0.32 -2.73
N THR A 20 2.14 -1.11 -1.76
CA THR A 20 3.21 -2.07 -1.99
C THR A 20 2.95 -3.37 -1.23
N CYS A 21 3.05 -4.50 -1.94
CA CYS A 21 2.81 -5.81 -1.31
C CYS A 21 4.14 -6.54 -1.09
N GLU A 22 4.28 -7.15 0.10
CA GLU A 22 5.49 -7.87 0.44
C GLU A 22 5.17 -9.15 1.21
N ASN A 23 5.33 -10.28 0.54
CA ASN A 23 5.07 -11.59 1.14
C ASN A 23 3.73 -11.62 1.92
N GLU A 24 2.69 -11.15 1.24
CA GLU A 24 1.33 -11.10 1.82
C GLU A 24 1.17 -9.91 2.74
N VAL A 25 2.27 -9.19 2.99
CA VAL A 25 2.21 -8.00 3.83
C VAL A 25 2.16 -6.78 2.91
N CYS A 26 1.36 -5.78 3.27
CA CYS A 26 1.21 -4.60 2.43
C CYS A 26 1.74 -3.33 3.10
N LYS A 27 2.24 -2.42 2.27
CA LYS A 27 2.77 -1.15 2.76
C LYS A 27 2.53 -0.03 1.75
N CYS A 28 2.34 1.19 2.24
CA CYS A 28 2.16 2.35 1.36
C CYS A 28 3.49 3.09 1.28
N ASN A 29 4.28 2.78 0.26
CA ASN A 29 5.61 3.37 0.13
C ASN A 29 5.72 4.36 -1.03
N ILE A 30 6.30 5.53 -0.74
CA ILE A 30 6.50 6.55 -1.75
C ILE A 30 7.72 6.23 -2.59
N GLY A 31 7.53 6.30 -3.90
CA GLY A 31 8.61 6.01 -4.86
C GLY A 31 8.35 4.70 -5.58
N LYS A 32 7.57 3.83 -4.95
CA LYS A 32 7.25 2.53 -5.55
C LYS A 32 5.79 2.16 -5.27
N LYS A 33 5.05 1.86 -6.32
CA LYS A 33 3.66 1.46 -6.17
C LYS A 33 3.40 0.11 -6.82
N ASP A 34 2.57 -0.70 -6.19
CA ASP A 34 2.25 -2.01 -6.72
C ASP A 34 0.92 -1.96 -7.47
N GLY A 1 -2.56 -13.27 -1.24
CA GLY A 1 -3.73 -12.35 -1.19
C GLY A 1 -3.25 -10.90 -1.09
N SER A 2 -2.49 -10.61 -0.04
CA SER A 2 -1.94 -9.26 0.16
C SER A 2 -3.04 -8.21 0.22
N VAL A 3 -4.27 -8.67 0.44
CA VAL A 3 -5.44 -7.80 0.55
C VAL A 3 -5.06 -6.46 1.20
N GLY A 4 -4.18 -6.54 2.18
CA GLY A 4 -3.73 -5.33 2.86
C GLY A 4 -3.47 -4.24 1.84
N CYS A 5 -2.98 -4.63 0.65
CA CYS A 5 -2.70 -3.65 -0.40
C CYS A 5 -3.96 -2.91 -0.83
N ALA A 6 -5.11 -3.35 -0.33
CA ALA A 6 -6.37 -2.67 -0.62
C ALA A 6 -6.66 -1.74 0.56
N GLU A 7 -6.49 -2.28 1.75
CA GLU A 7 -6.69 -1.49 2.97
C GLU A 7 -5.54 -0.48 3.10
N CYS A 8 -4.34 -0.92 2.72
CA CYS A 8 -3.14 -0.09 2.76
C CYS A 8 -3.42 1.28 2.13
N PRO A 9 -3.78 1.32 0.87
CA PRO A 9 -4.10 2.59 0.19
C PRO A 9 -5.16 3.34 1.00
N MET A 10 -6.20 2.60 1.40
CA MET A 10 -7.24 3.18 2.23
C MET A 10 -6.63 3.71 3.52
N HIS A 11 -5.68 2.95 4.05
CA HIS A 11 -4.97 3.33 5.28
C HIS A 11 -3.88 4.36 4.97
N CYS A 12 -3.90 4.89 3.75
CA CYS A 12 -2.93 5.90 3.32
C CYS A 12 -3.57 7.29 3.41
N LYS A 13 -2.77 8.31 3.74
CA LYS A 13 -3.30 9.66 3.89
C LYS A 13 -3.15 10.49 2.61
N GLY A 14 -4.19 11.28 2.35
CA GLY A 14 -4.25 12.13 1.16
C GLY A 14 -3.00 12.99 0.99
N LYS A 15 -2.52 13.03 -0.26
CA LYS A 15 -1.35 13.80 -0.67
C LYS A 15 -0.15 12.89 -0.93
N MET A 16 -0.17 11.68 -0.36
CA MET A 16 0.93 10.73 -0.57
C MET A 16 0.40 9.31 -0.73
N ALA A 17 0.25 8.86 -1.99
CA ALA A 17 -0.23 7.51 -2.26
C ALA A 17 0.89 6.64 -2.81
N LYS A 18 1.04 5.45 -2.22
CA LYS A 18 2.08 4.54 -2.64
C LYS A 18 1.79 3.09 -2.19
N PRO A 19 0.99 2.39 -2.94
CA PRO A 19 0.62 0.97 -2.62
C PRO A 19 1.79 -0.01 -2.83
N THR A 20 2.29 -0.55 -1.73
CA THR A 20 3.41 -1.50 -1.80
C THR A 20 3.00 -2.87 -1.26
N CYS A 21 3.06 -3.88 -2.13
CA CYS A 21 2.70 -5.24 -1.74
C CYS A 21 3.95 -6.12 -1.76
N GLU A 22 4.34 -6.64 -0.59
CA GLU A 22 5.50 -7.48 -0.49
C GLU A 22 5.24 -8.63 0.47
N ASN A 23 5.47 -9.83 -0.02
CA ASN A 23 5.27 -11.06 0.74
C ASN A 23 3.97 -11.05 1.54
N GLU A 24 2.88 -10.74 0.84
CA GLU A 24 1.55 -10.68 1.44
C GLU A 24 1.42 -9.50 2.39
N VAL A 25 2.50 -8.76 2.61
CA VAL A 25 2.46 -7.60 3.49
C VAL A 25 2.34 -6.32 2.65
N CYS A 26 1.38 -5.47 3.02
CA CYS A 26 1.15 -4.24 2.28
C CYS A 26 1.53 -3.01 3.09
N LYS A 27 2.18 -2.06 2.43
CA LYS A 27 2.58 -0.81 3.09
C LYS A 27 2.45 0.36 2.12
N CYS A 28 2.35 1.57 2.67
CA CYS A 28 2.23 2.76 1.83
C CYS A 28 3.59 3.47 1.75
N ASN A 29 4.45 3.01 0.83
CA ASN A 29 5.78 3.61 0.67
C ASN A 29 6.11 3.88 -0.80
N ILE A 30 6.66 5.07 -1.05
CA ILE A 30 7.06 5.47 -2.41
C ILE A 30 8.33 4.76 -2.84
N GLY A 31 8.40 4.43 -4.12
CA GLY A 31 9.56 3.75 -4.69
C GLY A 31 9.21 2.32 -5.13
N LYS A 32 8.12 1.80 -4.58
CA LYS A 32 7.67 0.45 -4.91
C LYS A 32 6.20 0.51 -5.36
N LYS A 33 5.94 0.11 -6.61
CA LYS A 33 4.57 0.14 -7.13
C LYS A 33 4.03 -1.28 -7.32
N ASP A 34 2.71 -1.40 -7.22
CA ASP A 34 2.03 -2.67 -7.40
C ASP A 34 0.87 -2.50 -8.38
N GLY A 1 -1.76 -6.37 -6.58
CA GLY A 1 -1.31 -7.79 -6.53
C GLY A 1 -1.94 -8.50 -5.35
N SER A 2 -1.64 -8.05 -4.14
CA SER A 2 -2.20 -8.67 -2.93
C SER A 2 -3.49 -7.98 -2.51
N VAL A 3 -3.93 -8.28 -1.28
CA VAL A 3 -5.16 -7.70 -0.74
C VAL A 3 -4.85 -6.46 0.08
N GLY A 4 -4.18 -6.65 1.22
CA GLY A 4 -3.81 -5.52 2.07
C GLY A 4 -3.34 -4.36 1.23
N CYS A 5 -2.61 -4.68 0.16
CA CYS A 5 -2.10 -3.65 -0.74
C CYS A 5 -3.23 -2.84 -1.35
N ALA A 6 -4.46 -3.31 -1.19
CA ALA A 6 -5.64 -2.59 -1.68
C ALA A 6 -6.20 -1.76 -0.53
N GLU A 7 -6.26 -2.38 0.65
CA GLU A 7 -6.72 -1.68 1.84
C GLU A 7 -5.67 -0.65 2.26
N CYS A 8 -4.41 -1.04 2.13
CA CYS A 8 -3.29 -0.17 2.49
C CYS A 8 -3.50 1.24 1.91
N PRO A 9 -3.62 1.36 0.60
CA PRO A 9 -3.85 2.67 -0.05
C PRO A 9 -5.14 3.30 0.46
N MET A 10 -6.17 2.47 0.62
CA MET A 10 -7.45 2.96 1.13
C MET A 10 -7.23 3.62 2.49
N HIS A 11 -6.35 3.02 3.29
CA HIS A 11 -6.02 3.56 4.61
C HIS A 11 -4.70 4.33 4.54
N CYS A 12 -4.55 5.09 3.47
CA CYS A 12 -3.33 5.87 3.23
C CYS A 12 -3.50 7.33 3.66
N LYS A 13 -2.42 7.91 4.16
CA LYS A 13 -2.45 9.29 4.62
C LYS A 13 -1.92 10.28 3.57
N GLY A 14 -2.60 11.41 3.48
CA GLY A 14 -2.26 12.46 2.52
C GLY A 14 -0.76 12.78 2.48
N LYS A 15 -0.27 13.04 1.26
CA LYS A 15 1.14 13.38 0.99
C LYS A 15 1.91 12.16 0.46
N MET A 16 1.45 10.97 0.81
CA MET A 16 2.08 9.74 0.33
C MET A 16 1.02 8.67 0.14
N ALA A 17 0.55 8.45 -1.08
CA ALA A 17 -0.48 7.43 -1.29
C ALA A 17 -0.30 6.61 -2.55
N LYS A 18 0.16 5.40 -2.35
CA LYS A 18 0.33 4.43 -3.43
C LYS A 18 0.52 3.02 -2.85
N PRO A 19 -0.15 2.04 -3.41
CA PRO A 19 -0.11 0.62 -2.94
C PRO A 19 1.27 -0.03 -3.05
N THR A 20 1.69 -0.67 -1.95
CA THR A 20 2.98 -1.36 -1.91
C THR A 20 2.89 -2.57 -0.98
N CYS A 21 3.42 -3.70 -1.44
CA CYS A 21 3.38 -4.93 -0.65
C CYS A 21 4.78 -5.49 -0.43
N GLU A 22 4.98 -6.09 0.72
CA GLU A 22 6.26 -6.70 1.07
C GLU A 22 6.00 -7.99 1.83
N ASN A 23 6.37 -9.11 1.22
CA ASN A 23 6.15 -10.43 1.82
C ASN A 23 4.74 -10.56 2.39
N GLU A 24 3.77 -10.22 1.54
CA GLU A 24 2.35 -10.27 1.89
C GLU A 24 1.96 -9.15 2.86
N VAL A 25 2.92 -8.28 3.20
CA VAL A 25 2.63 -7.15 4.07
C VAL A 25 2.43 -5.92 3.20
N CYS A 26 1.38 -5.16 3.47
CA CYS A 26 1.07 -3.98 2.66
C CYS A 26 1.50 -2.68 3.34
N LYS A 27 2.02 -1.76 2.53
CA LYS A 27 2.46 -0.45 3.02
C LYS A 27 2.20 0.64 1.96
N CYS A 28 1.97 1.88 2.43
CA CYS A 28 1.72 3.00 1.51
C CYS A 28 3.02 3.76 1.29
N ASN A 29 3.74 3.41 0.21
CA ASN A 29 5.02 4.07 -0.07
C ASN A 29 5.24 4.30 -1.57
N ILE A 30 5.81 5.44 -1.90
CA ILE A 30 6.09 5.77 -3.29
C ILE A 30 7.29 4.99 -3.83
N GLY A 31 7.16 4.57 -5.09
CA GLY A 31 8.22 3.81 -5.77
C GLY A 31 7.87 2.32 -5.87
N LYS A 32 6.96 1.89 -5.00
CA LYS A 32 6.51 0.49 -4.98
C LYS A 32 5.15 0.34 -5.68
N LYS A 33 4.97 -0.74 -6.43
CA LYS A 33 3.70 -0.95 -7.13
C LYS A 33 3.18 -2.39 -6.93
N ASP A 34 1.86 -2.52 -6.79
CA ASP A 34 1.23 -3.82 -6.60
C ASP A 34 0.12 -4.03 -7.64
N GLY A 1 -0.99 -5.79 -5.32
CA GLY A 1 -1.29 -7.15 -5.89
C GLY A 1 -2.22 -7.92 -4.95
N SER A 2 -1.84 -8.02 -3.68
CA SER A 2 -2.66 -8.76 -2.70
C SER A 2 -3.80 -7.87 -2.17
N VAL A 3 -4.46 -8.34 -1.11
CA VAL A 3 -5.57 -7.60 -0.51
C VAL A 3 -5.08 -6.37 0.25
N GLY A 4 -4.37 -6.59 1.36
CA GLY A 4 -3.85 -5.48 2.16
C GLY A 4 -3.35 -4.37 1.26
N CYS A 5 -2.89 -4.75 0.08
CA CYS A 5 -2.39 -3.80 -0.90
C CYS A 5 -3.46 -2.80 -1.29
N ALA A 6 -4.72 -3.20 -1.12
CA ALA A 6 -5.85 -2.33 -1.43
C ALA A 6 -6.16 -1.51 -0.18
N GLU A 7 -6.15 -2.20 0.95
CA GLU A 7 -6.41 -1.55 2.23
C GLU A 7 -5.25 -0.60 2.57
N CYS A 8 -4.04 -1.02 2.21
CA CYS A 8 -2.85 -0.23 2.47
C CYS A 8 -3.03 1.21 1.99
N PRO A 9 -3.28 1.40 0.71
CA PRO A 9 -3.50 2.76 0.16
C PRO A 9 -4.67 3.43 0.88
N MET A 10 -5.73 2.64 1.10
CA MET A 10 -6.89 3.14 1.84
C MET A 10 -6.42 3.63 3.20
N HIS A 11 -5.43 2.94 3.76
CA HIS A 11 -4.86 3.32 5.05
C HIS A 11 -3.77 4.38 4.86
N CYS A 12 -3.75 4.97 3.66
CA CYS A 12 -2.77 6.00 3.33
C CYS A 12 -3.43 7.37 3.49
N LYS A 13 -2.66 8.35 3.90
CA LYS A 13 -3.22 9.68 4.13
C LYS A 13 -3.04 10.58 2.90
N GLY A 14 -4.11 11.31 2.58
CA GLY A 14 -4.14 12.20 1.42
C GLY A 14 -2.83 12.97 1.22
N LYS A 15 -2.46 13.14 -0.05
CA LYS A 15 -1.23 13.87 -0.44
C LYS A 15 -0.07 12.90 -0.69
N MET A 16 -0.14 11.69 -0.13
CA MET A 16 0.92 10.71 -0.31
C MET A 16 0.35 9.30 -0.46
N ALA A 17 0.17 8.83 -1.70
CA ALA A 17 -0.35 7.47 -1.94
C ALA A 17 0.69 6.59 -2.61
N LYS A 18 0.89 5.39 -2.05
CA LYS A 18 1.89 4.47 -2.59
C LYS A 18 1.65 3.03 -2.12
N PRO A 19 0.88 2.26 -2.86
CA PRO A 19 0.56 0.84 -2.49
C PRO A 19 1.74 -0.12 -2.69
N THR A 20 2.33 -0.54 -1.57
CA THR A 20 3.47 -1.47 -1.60
C THR A 20 3.11 -2.78 -0.91
N CYS A 21 3.40 -3.90 -1.57
CA CYS A 21 3.12 -5.22 -1.00
C CYS A 21 4.27 -6.20 -1.24
N GLU A 22 4.71 -6.83 -0.16
CA GLU A 22 5.80 -7.78 -0.23
C GLU A 22 5.54 -8.96 0.71
N ASN A 23 5.26 -10.11 0.12
CA ASN A 23 4.95 -11.35 0.86
C ASN A 23 3.75 -11.13 1.81
N GLU A 24 2.69 -10.59 1.24
CA GLU A 24 1.45 -10.31 1.98
C GLU A 24 1.63 -9.18 3.00
N VAL A 25 2.79 -8.54 2.98
CA VAL A 25 3.04 -7.41 3.87
C VAL A 25 2.85 -6.11 3.09
N CYS A 26 1.74 -5.43 3.35
CA CYS A 26 1.43 -4.20 2.63
C CYS A 26 1.84 -2.96 3.42
N LYS A 27 2.32 -1.95 2.69
CA LYS A 27 2.74 -0.68 3.30
C LYS A 27 2.54 0.47 2.31
N CYS A 28 2.47 1.70 2.81
CA CYS A 28 2.31 2.85 1.94
C CYS A 28 3.67 3.55 1.77
N ASN A 29 4.44 3.08 0.80
CA ASN A 29 5.78 3.65 0.54
C ASN A 29 6.02 3.88 -0.96
N ILE A 30 6.51 5.06 -1.29
CA ILE A 30 6.80 5.42 -2.67
C ILE A 30 7.99 4.64 -3.23
N GLY A 31 7.90 4.30 -4.51
CA GLY A 31 8.94 3.53 -5.20
C GLY A 31 8.44 2.15 -5.63
N LYS A 32 7.38 1.69 -4.98
CA LYS A 32 6.78 0.40 -5.32
C LYS A 32 5.27 0.55 -5.46
N LYS A 33 4.73 0.10 -6.59
CA LYS A 33 3.28 0.20 -6.83
C LYS A 33 2.65 -1.17 -7.03
N ASP A 34 2.03 -1.69 -5.98
CA ASP A 34 1.38 -2.99 -6.04
C ASP A 34 -0.05 -2.89 -6.59
N GLY A 1 -10.07 -5.13 6.69
CA GLY A 1 -11.09 -5.36 5.62
C GLY A 1 -10.41 -5.81 4.34
N SER A 2 -10.83 -6.95 3.81
CA SER A 2 -10.26 -7.50 2.57
C SER A 2 -8.75 -7.71 2.69
N VAL A 3 -8.08 -7.75 1.55
CA VAL A 3 -6.63 -7.96 1.52
C VAL A 3 -5.89 -6.66 1.83
N GLY A 4 -4.93 -6.75 2.75
CA GLY A 4 -4.13 -5.58 3.14
C GLY A 4 -3.76 -4.74 1.93
N CYS A 5 -3.37 -5.39 0.84
CA CYS A 5 -2.98 -4.66 -0.37
C CYS A 5 -4.10 -3.72 -0.83
N ALA A 6 -5.33 -3.97 -0.39
CA ALA A 6 -6.44 -3.09 -0.75
C ALA A 6 -6.55 -1.98 0.29
N GLU A 7 -6.45 -2.37 1.55
CA GLU A 7 -6.52 -1.41 2.64
C GLU A 7 -5.25 -0.56 2.66
N CYS A 8 -4.12 -1.20 2.37
CA CYS A 8 -2.84 -0.51 2.35
C CYS A 8 -2.95 0.84 1.63
N PRO A 9 -3.37 0.85 0.39
CA PRO A 9 -3.55 2.10 -0.38
C PRO A 9 -4.64 2.96 0.26
N MET A 10 -5.71 2.30 0.71
CA MET A 10 -6.80 3.02 1.37
C MET A 10 -6.30 3.66 2.67
N HIS A 11 -5.42 2.95 3.37
CA HIS A 11 -4.85 3.45 4.62
C HIS A 11 -3.77 4.50 4.35
N CYS A 12 -3.76 5.05 3.14
CA CYS A 12 -2.76 6.05 2.76
C CYS A 12 -3.33 7.46 2.92
N LYS A 13 -2.47 8.39 3.33
CA LYS A 13 -2.89 9.76 3.57
C LYS A 13 -2.60 10.67 2.36
N GLY A 14 -3.55 11.57 2.09
CA GLY A 14 -3.48 12.51 0.98
C GLY A 14 -2.08 13.09 0.77
N LYS A 15 -1.71 13.25 -0.51
CA LYS A 15 -0.41 13.81 -0.91
C LYS A 15 0.64 12.70 -1.06
N MET A 16 0.42 11.56 -0.42
CA MET A 16 1.36 10.45 -0.51
C MET A 16 0.58 9.13 -0.59
N ALA A 17 0.41 8.58 -1.79
CA ALA A 17 -0.32 7.33 -1.92
C ALA A 17 0.28 6.37 -2.95
N LYS A 18 0.80 5.28 -2.44
CA LYS A 18 1.37 4.21 -3.26
C LYS A 18 1.49 2.93 -2.43
N PRO A 19 0.73 1.92 -2.75
CA PRO A 19 0.73 0.64 -2.00
C PRO A 19 1.90 -0.28 -2.36
N THR A 20 2.65 -0.67 -1.34
CA THR A 20 3.78 -1.58 -1.51
C THR A 20 3.39 -2.94 -0.96
N CYS A 21 3.27 -3.91 -1.85
CA CYS A 21 2.88 -5.26 -1.44
C CYS A 21 3.88 -6.31 -1.89
N GLU A 22 4.55 -6.91 -0.90
CA GLU A 22 5.53 -7.93 -1.15
C GLU A 22 5.42 -8.99 -0.06
N ASN A 23 5.53 -10.22 -0.48
CA ASN A 23 5.43 -11.38 0.43
C ASN A 23 4.33 -11.18 1.46
N GLU A 24 3.13 -10.81 0.99
CA GLU A 24 1.98 -10.61 1.86
C GLU A 24 2.17 -9.39 2.77
N VAL A 25 3.27 -8.67 2.59
CA VAL A 25 3.51 -7.49 3.40
C VAL A 25 3.10 -6.23 2.64
N CYS A 26 1.90 -5.75 2.95
CA CYS A 26 1.36 -4.56 2.29
C CYS A 26 1.68 -3.32 3.10
N LYS A 27 2.16 -2.28 2.41
CA LYS A 27 2.49 -1.03 3.08
C LYS A 27 2.41 0.13 2.08
N CYS A 28 2.01 1.30 2.55
CA CYS A 28 1.95 2.46 1.67
C CYS A 28 3.28 3.22 1.77
N ASN A 29 4.16 2.99 0.80
CA ASN A 29 5.47 3.63 0.82
C ASN A 29 5.79 4.28 -0.52
N ILE A 30 6.41 5.45 -0.44
CA ILE A 30 6.79 6.18 -1.65
C ILE A 30 8.02 5.53 -2.27
N GLY A 31 7.99 5.44 -3.59
CA GLY A 31 9.09 4.84 -4.35
C GLY A 31 8.66 3.51 -4.97
N LYS A 32 7.62 2.90 -4.43
CA LYS A 32 7.11 1.63 -4.96
C LYS A 32 5.59 1.61 -4.95
N LYS A 33 5.00 1.09 -6.02
CA LYS A 33 3.54 1.01 -6.12
C LYS A 33 3.13 -0.29 -6.83
N ASP A 34 2.27 -1.06 -6.16
CA ASP A 34 1.80 -2.32 -6.73
C ASP A 34 0.45 -2.12 -7.42
N GLY A 1 -0.31 -13.01 -2.30
CA GLY A 1 -1.07 -11.75 -2.53
C GLY A 1 -2.29 -11.71 -1.63
N SER A 2 -2.41 -10.67 -0.81
CA SER A 2 -3.54 -10.55 0.11
C SER A 2 -4.38 -9.31 -0.23
N VAL A 3 -5.28 -8.96 0.69
CA VAL A 3 -6.15 -7.80 0.49
C VAL A 3 -5.43 -6.53 0.95
N GLY A 4 -4.58 -6.67 1.96
CA GLY A 4 -3.81 -5.53 2.49
C GLY A 4 -3.41 -4.57 1.38
N CYS A 5 -3.02 -5.12 0.24
CA CYS A 5 -2.61 -4.30 -0.89
C CYS A 5 -3.71 -3.33 -1.29
N ALA A 6 -4.95 -3.67 -0.97
CA ALA A 6 -6.09 -2.80 -1.27
C ALA A 6 -6.26 -1.80 -0.14
N GLU A 7 -6.11 -2.29 1.09
CA GLU A 7 -6.23 -1.42 2.26
C GLU A 7 -5.00 -0.51 2.34
N CYS A 8 -3.83 -1.07 2.04
CA CYS A 8 -2.59 -0.31 2.09
C CYS A 8 -2.77 1.09 1.49
N PRO A 9 -3.24 1.18 0.27
CA PRO A 9 -3.48 2.50 -0.37
C PRO A 9 -4.64 3.21 0.33
N MET A 10 -5.70 2.46 0.64
CA MET A 10 -6.84 3.04 1.34
C MET A 10 -6.37 3.63 2.67
N HIS A 11 -5.44 2.94 3.31
CA HIS A 11 -4.88 3.39 4.59
C HIS A 11 -3.81 4.46 4.35
N CYS A 12 -3.76 4.99 3.13
CA CYS A 12 -2.80 6.04 2.79
C CYS A 12 -3.46 7.40 2.93
N LYS A 13 -2.69 8.37 3.39
CA LYS A 13 -3.20 9.72 3.62
C LYS A 13 -2.90 10.68 2.47
N GLY A 14 -3.88 11.55 2.18
CA GLY A 14 -3.78 12.54 1.09
C GLY A 14 -2.38 13.14 0.97
N LYS A 15 -1.96 13.38 -0.27
CA LYS A 15 -0.66 13.95 -0.60
C LYS A 15 0.43 12.87 -0.62
N MET A 16 0.14 11.71 -0.05
CA MET A 16 1.11 10.61 -0.03
C MET A 16 0.41 9.27 -0.24
N ALA A 17 0.44 8.76 -1.48
CA ALA A 17 -0.21 7.49 -1.78
C ALA A 17 0.65 6.60 -2.68
N LYS A 18 1.03 5.47 -2.12
CA LYS A 18 1.87 4.49 -2.81
C LYS A 18 1.81 3.12 -2.12
N PRO A 19 0.92 2.26 -2.57
CA PRO A 19 0.73 0.91 -1.97
C PRO A 19 1.89 -0.04 -2.31
N THR A 20 2.59 -0.50 -1.28
CA THR A 20 3.70 -1.41 -1.47
C THR A 20 3.42 -2.74 -0.79
N CYS A 21 3.35 -3.80 -1.58
CA CYS A 21 3.08 -5.13 -1.04
C CYS A 21 4.28 -6.06 -1.26
N GLU A 22 4.62 -6.82 -0.22
CA GLU A 22 5.73 -7.74 -0.28
C GLU A 22 5.42 -9.02 0.47
N ASN A 23 5.46 -10.13 -0.25
CA ASN A 23 5.18 -11.46 0.32
C ASN A 23 4.03 -11.44 1.33
N GLU A 24 2.91 -10.87 0.90
CA GLU A 24 1.71 -10.78 1.73
C GLU A 24 1.77 -9.61 2.72
N VAL A 25 2.90 -8.91 2.75
CA VAL A 25 3.04 -7.75 3.63
C VAL A 25 2.81 -6.48 2.82
N CYS A 26 1.95 -5.59 3.32
CA CYS A 26 1.64 -4.37 2.61
C CYS A 26 2.04 -3.11 3.38
N LYS A 27 2.43 -2.08 2.64
CA LYS A 27 2.81 -0.80 3.21
C LYS A 27 2.56 0.32 2.19
N CYS A 28 2.47 1.56 2.67
CA CYS A 28 2.25 2.69 1.76
C CYS A 28 3.49 3.58 1.71
N ASN A 29 4.47 3.18 0.89
CA ASN A 29 5.72 3.94 0.76
C ASN A 29 6.05 4.21 -0.71
N ILE A 30 6.46 5.44 -1.00
CA ILE A 30 6.82 5.83 -2.37
C ILE A 30 7.93 4.95 -2.92
N GLY A 31 7.80 4.64 -4.20
CA GLY A 31 8.76 3.79 -4.91
C GLY A 31 8.14 2.45 -5.30
N LYS A 32 7.07 2.07 -4.62
CA LYS A 32 6.38 0.82 -4.92
C LYS A 32 4.88 1.08 -5.05
N LYS A 33 4.25 0.46 -6.05
CA LYS A 33 2.81 0.66 -6.27
C LYS A 33 2.11 -0.66 -6.58
N ASP A 34 1.59 -1.30 -5.54
CA ASP A 34 0.88 -2.56 -5.70
C ASP A 34 -0.63 -2.31 -5.76
#